data_8BB7
#
_entry.id   8BB7
#
_cell.length_a   93.544
_cell.length_b   108.988
_cell.length_c   94.043
_cell.angle_alpha   90.000
_cell.angle_beta   90.370
_cell.angle_gamma   90.000
#
_symmetry.space_group_name_H-M   'P 1 21 1'
#
loop_
_entity.id
_entity.type
_entity.pdbx_description
1 polymer Plexin-B1
2 polymer 'VHH15 Nanobody'
3 non-polymer 2-acetamido-2-deoxy-beta-D-glucopyranose
4 water water
#
loop_
_entity_poly.entity_id
_entity_poly.type
_entity_poly.pdbx_seq_one_letter_code
_entity_poly.pdbx_strand_id
1 'polypeptide(L)'
;LRSPLPAAFTANGTHLQHLARDPTTGTLYVGATNFLFQLSPGLQLEAVVSTGPVNDSRDCLPPVIPDECPQAQPTNNPNQ
LLLVSPEALVVCGSVHQGICELRSLGQIRQLLLRPERPGDTQYVAANDPAVSTVGLVAQGLVGEPLLFVGRGYTSRGVGG
GIPPITTRALRPPDPQAAFSYEETAKLAVGRLSEYSHHFVSAFVRGASAYFLFLRRDLKAPSRAFRAYVSRVCLQDQHYY
SYVELPLACQGGRYGLIQAAAVATSKEVARGDVLFAAFSSVAPPTVDWPLSASTGASGTSVLCAFPLDEVDQLANYTRDA
CYTREGRAENGTKVADIAYDVLSDCAQLPVDTPDAFPCGSDHTPSPMVSCVPLEATPILELPGVQLTAVAVTMEDGHTIA
FLGDSQGQLHRVYLGPGRSAAPYSKQSIQPGSPVNRDLTFDGTFEHLYVATQTTLVKVPVAPCAQHLDCDSCLAHRDPYC
GWCVLLGRCSRRSECSRDQGPEQWLWSFQPELGCLRKHHHHHH
;
B,A
2 'polypeptide(L)'
;QVQLQESGGGLVQPGGSLRLSCAASGFRLDYYAIGWFRQAPGKEREGVLCISSSGGSINYADSVKGRFTISRDNAKNTVY
LQMNSLKPEDTAVYYCGASSYNTQRAECYGMDYWGKGTQVTVSAHHHHHH
;
D,C
#
loop_
_chem_comp.id
_chem_comp.type
_chem_comp.name
_chem_comp.formula
NAG D-saccharide, beta linking 2-acetamido-2-deoxy-beta-D-glucopyranose 'C8 H15 N O6'
#
# COMPACT_ATOMS: atom_id res chain seq x y z
N PRO A 6 0.94 -4.26 -14.97
CA PRO A 6 -0.21 -4.73 -14.18
C PRO A 6 -0.32 -4.05 -12.82
N ALA A 7 -0.62 -4.82 -11.77
CA ALA A 7 -0.81 -4.25 -10.44
C ALA A 7 -0.78 -5.37 -9.40
N ALA A 8 -0.17 -5.07 -8.26
CA ALA A 8 -0.01 -6.05 -7.19
C ALA A 8 -0.36 -5.41 -5.85
N PHE A 9 -0.81 -6.25 -4.91
CA PHE A 9 -1.12 -5.83 -3.55
C PHE A 9 -0.24 -6.59 -2.56
N THR A 10 0.39 -5.85 -1.66
CA THR A 10 1.20 -6.44 -0.59
C THR A 10 0.91 -5.71 0.71
N ALA A 11 1.26 -6.36 1.81
CA ALA A 11 1.00 -5.82 3.14
C ALA A 11 2.22 -6.00 4.04
N ASN A 12 3.37 -5.54 3.54
CA ASN A 12 4.63 -5.62 4.29
C ASN A 12 4.93 -7.06 4.71
N GLY A 13 4.55 -8.01 3.87
CA GLY A 13 4.75 -9.41 4.17
C GLY A 13 3.68 -10.04 5.03
N THR A 14 2.58 -9.35 5.29
CA THR A 14 1.49 -9.93 6.06
C THR A 14 0.69 -10.89 5.20
N HIS A 15 0.28 -12.01 5.80
CA HIS A 15 -0.34 -13.10 5.04
C HIS A 15 -1.79 -12.80 4.70
N LEU A 16 -2.21 -13.25 3.52
CA LEU A 16 -3.56 -13.06 3.03
C LEU A 16 -4.29 -14.39 3.07
N GLN A 17 -5.39 -14.44 3.82
CA GLN A 17 -6.13 -15.68 4.05
C GLN A 17 -7.25 -15.90 3.05
N HIS A 18 -8.05 -14.86 2.81
CA HIS A 18 -9.26 -15.01 2.01
C HIS A 18 -9.47 -13.77 1.17
N LEU A 19 -10.31 -13.92 0.15
CA LEU A 19 -10.60 -12.84 -0.78
C LEU A 19 -12.03 -13.00 -1.29
N ALA A 20 -12.75 -11.89 -1.39
CA ALA A 20 -14.14 -11.92 -1.78
C ALA A 20 -14.46 -10.69 -2.62
N ARG A 21 -15.39 -10.85 -3.57
CA ARG A 21 -15.72 -9.81 -4.53
C ARG A 21 -17.22 -9.58 -4.53
N ASP A 22 -17.61 -8.33 -4.38
CA ASP A 22 -19.00 -7.92 -4.55
C ASP A 22 -19.34 -7.90 -6.03
N PRO A 23 -20.28 -8.73 -6.53
CA PRO A 23 -20.56 -8.73 -7.95
C PRO A 23 -21.23 -7.44 -8.40
N THR A 24 -21.66 -6.62 -7.46
CA THR A 24 -22.42 -5.39 -7.78
C THR A 24 -21.47 -4.23 -8.06
N THR A 25 -20.42 -4.10 -7.26
CA THR A 25 -19.52 -2.94 -7.38
C THR A 25 -18.19 -3.35 -7.97
N GLY A 26 -17.85 -4.62 -7.86
CA GLY A 26 -16.53 -5.05 -8.25
C GLY A 26 -15.46 -4.82 -7.19
N THR A 27 -15.84 -4.27 -6.04
CA THR A 27 -14.90 -4.05 -4.95
C THR A 27 -14.39 -5.38 -4.42
N LEU A 28 -13.10 -5.41 -4.08
CA LEU A 28 -12.46 -6.59 -3.53
C LEU A 28 -12.26 -6.42 -2.03
N TYR A 29 -12.60 -7.47 -1.29
CA TYR A 29 -12.37 -7.53 0.15
C TYR A 29 -11.34 -8.61 0.42
N VAL A 30 -10.32 -8.27 1.20
CA VAL A 30 -9.20 -9.15 1.48
C VAL A 30 -9.10 -9.35 2.99
N GLY A 31 -9.09 -10.60 3.42
CA GLY A 31 -8.95 -10.90 4.83
C GLY A 31 -7.56 -11.38 5.16
N ALA A 32 -6.82 -10.55 5.88
CA ALA A 32 -5.42 -10.81 6.22
C ALA A 32 -5.24 -10.92 7.73
N THR A 33 -4.03 -11.30 8.12
CA THR A 33 -3.69 -11.35 9.54
C THR A 33 -3.75 -9.95 10.13
N ASN A 34 -4.56 -9.77 11.16
CA ASN A 34 -4.72 -8.50 11.85
C ASN A 34 -5.17 -7.38 10.92
N PHE A 35 -5.79 -7.72 9.79
CA PHE A 35 -6.12 -6.70 8.80
C PHE A 35 -7.37 -7.08 8.02
N LEU A 36 -8.09 -6.06 7.58
CA LEU A 36 -9.20 -6.19 6.65
C LEU A 36 -9.05 -5.09 5.61
N PHE A 37 -9.05 -5.48 4.34
CA PHE A 37 -8.68 -4.58 3.25
C PHE A 37 -9.83 -4.44 2.27
N GLN A 38 -10.23 -3.20 1.99
CA GLN A 38 -11.19 -2.89 0.94
C GLN A 38 -10.42 -2.34 -0.25
N LEU A 39 -10.37 -3.12 -1.32
CA LEU A 39 -9.56 -2.80 -2.49
C LEU A 39 -10.45 -2.56 -3.71
N SER A 40 -10.05 -1.63 -4.55
CA SER A 40 -10.73 -1.37 -5.81
C SER A 40 -10.46 -2.51 -6.78
N PRO A 41 -11.16 -2.55 -7.91
CA PRO A 41 -10.80 -3.51 -8.97
C PRO A 41 -9.34 -3.45 -9.39
N GLY A 42 -8.70 -2.29 -9.27
CA GLY A 42 -7.30 -2.14 -9.57
C GLY A 42 -6.37 -2.37 -8.39
N LEU A 43 -6.88 -2.93 -7.29
CA LEU A 43 -6.10 -3.20 -6.08
C LEU A 43 -5.61 -1.91 -5.43
N GLN A 44 -6.40 -0.85 -5.54
CA GLN A 44 -6.09 0.40 -4.87
C GLN A 44 -6.81 0.44 -3.53
N LEU A 45 -6.07 0.82 -2.49
CA LEU A 45 -6.59 0.80 -1.13
C LEU A 45 -7.74 1.81 -0.98
N GLU A 46 -8.94 1.30 -0.69
CA GLU A 46 -10.07 2.15 -0.36
C GLU A 46 -10.33 2.27 1.13
N ALA A 47 -9.97 1.25 1.92
CA ALA A 47 -10.17 1.27 3.36
C ALA A 47 -9.31 0.19 4.01
N VAL A 48 -9.01 0.39 5.29
CA VAL A 48 -8.29 -0.57 6.12
C VAL A 48 -8.98 -0.66 7.47
N VAL A 49 -9.23 -1.89 7.92
CA VAL A 49 -9.75 -2.14 9.29
C VAL A 49 -8.78 -3.11 9.95
N SER A 50 -8.45 -2.87 11.21
CA SER A 50 -7.52 -3.74 11.94
C SER A 50 -8.27 -4.82 12.72
N THR A 51 -8.10 -6.08 12.33
CA THR A 51 -8.66 -7.22 13.09
C THR A 51 -7.74 -7.30 14.31
N GLY A 52 -6.71 -6.48 14.31
CA GLY A 52 -5.78 -6.28 15.44
C GLY A 52 -5.05 -7.43 16.03
N PRO A 53 -3.82 -7.26 16.54
CA PRO A 53 -3.20 -8.32 17.26
C PRO A 53 -4.03 -8.15 18.53
N VAL A 54 -4.49 -9.24 19.14
CA VAL A 54 -5.38 -9.13 20.34
C VAL A 54 -4.85 -10.09 21.40
N ASN A 55 -4.82 -9.68 22.67
CA ASN A 55 -4.37 -10.56 23.77
C ASN A 55 -5.46 -11.59 24.03
N ASP A 56 -5.21 -12.83 23.68
CA ASP A 56 -6.26 -13.86 23.79
C ASP A 56 -5.65 -15.21 24.08
N SER A 57 -6.50 -16.15 24.45
CA SER A 57 -6.12 -17.54 24.62
C SER A 57 -7.27 -18.40 24.12
N ARG A 58 -6.96 -19.56 23.54
CA ARG A 58 -8.04 -20.49 23.07
C ARG A 58 -8.70 -21.14 24.29
N ASP A 59 -8.21 -20.83 25.49
CA ASP A 59 -8.74 -21.44 26.73
C ASP A 59 -9.60 -20.42 27.47
N CYS A 60 -9.89 -19.28 26.85
CA CYS A 60 -10.71 -18.26 27.47
C CYS A 60 -11.90 -17.94 26.56
N LEU A 61 -12.94 -17.36 27.18
CA LEU A 61 -14.14 -17.05 26.41
C LEU A 61 -14.29 -15.56 26.20
N PRO A 62 -14.76 -15.14 25.02
CA PRO A 62 -14.96 -13.72 24.77
C PRO A 62 -16.28 -13.24 25.36
N PRO A 63 -16.35 -11.98 25.80
CA PRO A 63 -15.27 -10.98 25.87
C PRO A 63 -14.20 -11.36 26.88
N VAL A 64 -12.96 -11.02 26.56
CA VAL A 64 -11.83 -11.44 27.42
C VAL A 64 -11.48 -10.36 28.42
N ILE A 65 -11.80 -10.61 29.69
CA ILE A 65 -11.42 -9.71 30.77
C ILE A 65 -10.09 -10.20 31.33
N PRO A 66 -8.98 -9.47 31.14
CA PRO A 66 -7.65 -9.96 31.53
C PRO A 66 -7.57 -10.69 32.85
N ASP A 67 -8.28 -10.16 33.86
CA ASP A 67 -8.22 -10.76 35.20
C ASP A 67 -8.62 -12.22 35.20
N GLU A 68 -9.52 -12.62 34.31
CA GLU A 68 -9.98 -14.01 34.22
C GLU A 68 -9.37 -14.74 33.03
N CYS A 69 -8.18 -14.33 32.59
CA CYS A 69 -7.47 -15.00 31.52
C CYS A 69 -5.98 -14.69 31.64
N PRO A 70 -5.33 -15.19 32.70
CA PRO A 70 -3.89 -14.91 32.87
C PRO A 70 -3.01 -15.56 31.83
N GLN A 71 -3.50 -16.59 31.14
CA GLN A 71 -2.70 -17.29 30.13
C GLN A 71 -2.63 -16.56 28.80
N ALA A 72 -3.30 -15.43 28.70
CA ALA A 72 -3.39 -14.72 27.42
C ALA A 72 -2.05 -14.14 26.97
N GLN A 73 -1.77 -14.28 25.68
CA GLN A 73 -0.54 -13.72 25.08
C GLN A 73 -0.97 -12.93 23.86
N PRO A 74 -0.17 -11.97 23.36
CA PRO A 74 -0.52 -11.30 22.13
C PRO A 74 -0.79 -12.28 20.97
N THR A 75 -2.04 -12.41 20.55
CA THR A 75 -2.43 -13.38 19.50
C THR A 75 -2.78 -12.68 18.18
N ASN A 76 -2.35 -13.23 17.06
CA ASN A 76 -2.68 -12.71 15.74
C ASN A 76 -4.03 -13.24 15.29
N ASN A 77 -4.70 -12.46 14.43
CA ASN A 77 -6.05 -12.76 13.97
C ASN A 77 -6.08 -12.90 12.46
N PRO A 78 -5.62 -14.03 11.93
CA PRO A 78 -5.84 -14.31 10.51
C PRO A 78 -7.32 -14.51 10.22
N ASN A 79 -7.76 -13.98 9.08
CA ASN A 79 -9.18 -14.08 8.71
C ASN A 79 -9.55 -15.54 8.45
N GLN A 80 -10.70 -15.94 8.99
CA GLN A 80 -11.19 -17.30 8.83
C GLN A 80 -12.35 -17.40 7.86
N LEU A 81 -13.14 -16.34 7.71
CA LEU A 81 -14.29 -16.37 6.81
C LEU A 81 -14.54 -14.97 6.28
N LEU A 82 -14.87 -14.88 4.99
CA LEU A 82 -15.08 -13.59 4.34
C LEU A 82 -16.09 -13.82 3.21
N LEU A 83 -17.35 -13.51 3.48
CA LEU A 83 -18.44 -13.77 2.55
C LEU A 83 -19.27 -12.51 2.33
N VAL A 84 -19.84 -12.41 1.13
CA VAL A 84 -20.59 -11.24 0.70
C VAL A 84 -22.06 -11.60 0.73
N SER A 85 -22.80 -11.03 1.68
CA SER A 85 -24.23 -11.22 1.81
C SER A 85 -24.97 -10.15 1.03
N PRO A 86 -26.27 -10.34 0.75
CA PRO A 86 -27.03 -9.35 -0.03
C PRO A 86 -26.97 -7.92 0.51
N GLU A 87 -26.62 -7.75 1.79
CA GLU A 87 -26.67 -6.41 2.37
C GLU A 87 -25.48 -6.07 3.26
N ALA A 88 -24.55 -6.99 3.49
CA ALA A 88 -23.44 -6.70 4.38
C ALA A 88 -22.30 -7.66 4.10
N LEU A 89 -21.12 -7.33 4.63
CA LEU A 89 -19.94 -8.19 4.57
C LEU A 89 -19.89 -9.07 5.81
N VAL A 90 -19.76 -10.37 5.61
CA VAL A 90 -19.62 -11.32 6.71
C VAL A 90 -18.13 -11.53 6.97
N VAL A 91 -17.73 -11.38 8.23
CA VAL A 91 -16.32 -11.48 8.61
C VAL A 91 -16.23 -12.29 9.90
N CYS A 92 -15.46 -13.38 9.86
CA CYS A 92 -15.13 -14.15 11.05
C CYS A 92 -13.61 -14.30 11.11
N GLY A 93 -13.06 -14.14 12.31
CA GLY A 93 -11.63 -14.25 12.53
C GLY A 93 -11.25 -15.53 13.26
N SER A 94 -9.95 -15.78 13.30
CA SER A 94 -9.43 -16.94 14.02
C SER A 94 -9.47 -16.75 15.53
N VAL A 95 -9.65 -15.52 15.99
CA VAL A 95 -9.47 -15.21 17.39
C VAL A 95 -10.83 -15.10 18.07
N HIS A 96 -10.83 -15.15 19.40
CA HIS A 96 -12.07 -14.98 20.22
C HIS A 96 -13.08 -16.06 19.88
N GLN A 97 -12.64 -17.31 19.84
CA GLN A 97 -13.53 -18.44 19.59
C GLN A 97 -14.24 -18.31 18.24
N GLY A 98 -13.62 -17.63 17.29
CA GLY A 98 -14.16 -17.55 15.95
C GLY A 98 -15.46 -16.79 15.80
N ILE A 99 -15.68 -15.77 16.62
CA ILE A 99 -16.88 -14.96 16.50
C ILE A 99 -16.84 -14.14 15.21
N CYS A 100 -18.01 -13.69 14.77
CA CYS A 100 -18.14 -12.97 13.51
C CYS A 100 -18.71 -11.58 13.76
N GLU A 101 -18.90 -10.85 12.65
CA GLU A 101 -19.42 -9.49 12.67
C GLU A 101 -19.82 -9.12 11.26
N LEU A 102 -20.85 -8.27 11.15
CA LEU A 102 -21.29 -7.75 9.86
C LEU A 102 -20.75 -6.34 9.68
N ARG A 103 -20.33 -6.03 8.47
CA ARG A 103 -19.78 -4.72 8.14
C ARG A 103 -20.34 -4.24 6.81
N SER A 104 -20.37 -2.92 6.65
CA SER A 104 -20.92 -2.31 5.45
C SER A 104 -20.05 -2.59 4.25
N LEU A 105 -20.65 -3.14 3.20
CA LEU A 105 -20.02 -3.12 1.89
C LEU A 105 -19.92 -1.68 1.42
N GLY A 106 -18.72 -1.27 0.99
CA GLY A 106 -18.45 0.09 0.61
C GLY A 106 -17.73 0.90 1.67
N GLN A 107 -17.94 0.57 2.95
CA GLN A 107 -17.13 1.15 4.02
C GLN A 107 -17.02 0.09 5.13
N ILE A 108 -16.06 -0.82 4.94
CA ILE A 108 -15.81 -1.90 5.89
C ILE A 108 -15.47 -1.38 7.28
N ARG A 109 -15.09 -0.10 7.39
CA ARG A 109 -14.81 0.47 8.70
C ARG A 109 -16.08 0.73 9.49
N GLN A 110 -17.18 0.85 8.85
CA GLN A 110 -18.46 1.00 9.58
C GLN A 110 -18.93 -0.38 9.99
N LEU A 111 -18.82 -0.68 11.22
CA LEU A 111 -19.32 -1.92 11.78
C LEU A 111 -20.85 -1.90 11.81
N LEU A 112 -21.47 -3.01 11.42
CA LEU A 112 -22.92 -3.10 11.34
C LEU A 112 -23.52 -3.88 12.49
N LEU A 113 -22.98 -5.06 12.80
CA LEU A 113 -23.54 -5.91 13.83
C LEU A 113 -22.43 -6.69 14.51
N ARG A 114 -22.38 -6.59 15.83
CA ARG A 114 -21.45 -7.37 16.64
C ARG A 114 -22.12 -7.68 17.97
N PRO A 115 -22.69 -8.89 18.12
CA PRO A 115 -23.23 -9.31 19.42
C PRO A 115 -22.29 -8.99 20.57
N GLU A 116 -22.85 -8.43 21.65
CA GLU A 116 -22.01 -7.90 22.73
C GLU A 116 -21.56 -8.98 23.69
N ARG A 117 -22.38 -10.01 23.91
CA ARG A 117 -22.03 -11.14 24.79
C ARG A 117 -22.36 -12.43 24.06
N PRO A 118 -21.58 -12.80 23.04
CA PRO A 118 -21.87 -14.04 22.31
C PRO A 118 -21.84 -15.26 23.22
N GLY A 119 -22.74 -16.20 22.96
CA GLY A 119 -22.77 -17.46 23.66
C GLY A 119 -22.01 -18.54 22.91
N ASP A 120 -21.92 -19.71 23.54
CA ASP A 120 -21.18 -20.82 22.96
C ASP A 120 -21.78 -21.30 21.64
N THR A 121 -22.97 -20.84 21.28
CA THR A 121 -23.59 -21.16 20.01
C THR A 121 -23.23 -20.19 18.90
N GLN A 122 -22.53 -19.09 19.22
CA GLN A 122 -22.14 -18.09 18.24
C GLN A 122 -20.64 -18.13 17.94
N TYR A 123 -19.97 -19.23 18.31
CA TYR A 123 -18.57 -19.45 17.96
C TYR A 123 -18.55 -20.13 16.60
N VAL A 124 -18.42 -19.33 15.55
CA VAL A 124 -18.70 -19.81 14.19
C VAL A 124 -17.46 -20.43 13.55
N ALA A 125 -16.39 -19.67 13.42
CA ALA A 125 -15.22 -20.11 12.67
C ALA A 125 -14.27 -20.93 13.54
N ALA A 126 -13.27 -21.52 12.89
CA ALA A 126 -12.24 -22.27 13.60
C ALA A 126 -11.27 -21.31 14.26
N ASN A 127 -10.95 -21.56 15.53
CA ASN A 127 -10.12 -20.64 16.30
C ASN A 127 -8.64 -20.99 16.26
N ASP A 128 -8.23 -21.88 15.35
CA ASP A 128 -6.83 -22.18 15.10
C ASP A 128 -6.48 -21.71 13.69
N PRO A 129 -5.51 -20.82 13.50
CA PRO A 129 -5.24 -20.30 12.15
C PRO A 129 -4.76 -21.35 11.17
N ALA A 130 -4.46 -22.57 11.62
CA ALA A 130 -4.04 -23.67 10.77
C ALA A 130 -5.20 -24.59 10.38
N VAL A 131 -6.40 -24.34 10.90
CA VAL A 131 -7.60 -25.09 10.53
C VAL A 131 -8.48 -24.16 9.69
N SER A 132 -9.06 -24.70 8.62
CA SER A 132 -9.77 -23.89 7.64
C SER A 132 -11.27 -23.89 7.90
N THR A 133 -11.88 -22.75 7.59
CA THR A 133 -13.33 -22.56 7.70
C THR A 133 -13.88 -22.18 6.33
N VAL A 134 -14.95 -22.86 5.91
CA VAL A 134 -15.63 -22.55 4.67
C VAL A 134 -17.06 -22.13 4.99
N GLY A 135 -17.64 -21.35 4.09
CA GLY A 135 -18.97 -20.80 4.34
C GLY A 135 -19.73 -20.57 3.07
N LEU A 136 -21.02 -20.25 3.24
CA LEU A 136 -21.94 -20.03 2.13
C LEU A 136 -23.14 -19.24 2.64
N VAL A 137 -23.57 -18.25 1.85
CA VAL A 137 -24.69 -17.38 2.22
C VAL A 137 -25.86 -17.69 1.29
N ALA A 138 -27.04 -17.92 1.87
CA ALA A 138 -28.23 -18.29 1.13
C ALA A 138 -29.43 -17.57 1.73
N GLN A 139 -30.61 -17.89 1.22
CA GLN A 139 -31.88 -17.33 1.69
C GLN A 139 -32.78 -18.46 2.17
N GLY A 140 -33.54 -18.20 3.23
CA GLY A 140 -34.54 -19.12 3.68
C GLY A 140 -35.83 -18.98 2.90
N LEU A 141 -36.88 -19.58 3.45
CA LEU A 141 -38.16 -19.66 2.75
C LEU A 141 -38.88 -18.31 2.67
N VAL A 142 -38.67 -17.42 3.64
CA VAL A 142 -39.26 -16.09 3.62
C VAL A 142 -38.21 -15.02 3.33
N GLY A 143 -37.04 -15.42 2.84
CA GLY A 143 -36.00 -14.48 2.46
C GLY A 143 -34.93 -14.23 3.51
N GLU A 144 -34.98 -14.91 4.64
CA GLU A 144 -34.03 -14.66 5.71
C GLU A 144 -32.60 -14.96 5.23
N PRO A 145 -31.64 -14.09 5.52
CA PRO A 145 -30.24 -14.40 5.17
C PRO A 145 -29.70 -15.50 6.06
N LEU A 146 -29.05 -16.48 5.43
CA LEU A 146 -28.59 -17.67 6.14
C LEU A 146 -27.10 -17.89 5.88
N LEU A 147 -26.42 -18.40 6.91
CA LEU A 147 -24.99 -18.69 6.84
C LEU A 147 -24.78 -20.19 7.07
N PHE A 148 -24.31 -20.87 6.04
CA PHE A 148 -23.92 -22.27 6.14
C PHE A 148 -22.40 -22.32 6.32
N VAL A 149 -21.93 -23.05 7.32
CA VAL A 149 -20.53 -23.01 7.73
C VAL A 149 -19.99 -24.43 7.88
N GLY A 150 -18.91 -24.73 7.16
CA GLY A 150 -18.10 -25.90 7.44
C GLY A 150 -16.87 -25.48 8.23
N ARG A 151 -16.64 -26.18 9.34
CA ARG A 151 -15.57 -25.83 10.28
C ARG A 151 -14.82 -27.09 10.68
N GLY A 152 -13.50 -27.08 10.46
CA GLY A 152 -12.69 -28.23 10.80
C GLY A 152 -12.54 -28.40 12.30
N TYR A 153 -11.97 -29.55 12.66
CA TYR A 153 -11.79 -29.83 14.10
C TYR A 153 -10.61 -29.04 14.66
N THR A 154 -10.91 -28.24 15.66
CA THR A 154 -9.87 -27.47 16.37
C THR A 154 -9.81 -28.09 17.76
N SER A 155 -8.62 -28.43 18.25
CA SER A 155 -8.50 -29.18 19.52
C SER A 155 -8.60 -28.31 20.78
N ARG A 156 -7.76 -27.36 21.00
CA ARG A 156 -7.73 -26.65 22.30
C ARG A 156 -9.09 -26.05 22.64
N GLY A 157 -9.81 -25.55 21.59
CA GLY A 157 -11.12 -24.92 21.86
C GLY A 157 -11.78 -25.36 23.15
N VAL A 158 -12.29 -24.40 23.91
CA VAL A 158 -13.03 -24.72 25.16
C VAL A 158 -14.52 -24.43 24.93
N GLY A 161 -17.07 -28.12 21.69
CA GLY A 161 -17.25 -28.92 20.50
C GLY A 161 -18.29 -28.35 19.55
N ILE A 162 -17.83 -27.73 18.48
CA ILE A 162 -18.69 -27.04 17.51
C ILE A 162 -18.95 -27.99 16.35
N PRO A 163 -20.21 -28.20 15.96
CA PRO A 163 -20.50 -29.21 14.93
C PRO A 163 -19.94 -28.80 13.59
N PRO A 164 -19.54 -29.76 12.75
CA PRO A 164 -18.80 -29.43 11.52
C PRO A 164 -19.58 -28.57 10.55
N ILE A 165 -20.86 -28.87 10.33
CA ILE A 165 -21.70 -28.12 9.41
C ILE A 165 -22.86 -27.52 10.20
N THR A 166 -23.08 -26.22 10.05
CA THR A 166 -24.11 -25.50 10.79
C THR A 166 -24.80 -24.49 9.89
N THR A 167 -26.11 -24.36 10.05
CA THR A 167 -26.89 -23.29 9.42
C THR A 167 -27.19 -22.23 10.46
N ARG A 168 -26.80 -20.98 10.17
CA ARG A 168 -26.87 -19.90 11.13
C ARG A 168 -27.62 -18.71 10.54
N ALA A 169 -28.26 -17.96 11.43
CA ALA A 169 -29.09 -16.83 11.03
C ALA A 169 -28.26 -15.55 11.00
N LEU A 170 -28.43 -14.78 9.93
CA LEU A 170 -27.77 -13.48 9.80
C LEU A 170 -28.69 -12.32 10.14
N ARG A 171 -30.01 -12.47 9.92
CA ARG A 171 -31.02 -11.55 10.43
C ARG A 171 -32.00 -12.31 11.31
N PRO A 172 -31.58 -12.70 12.52
CA PRO A 172 -32.55 -13.25 13.48
C PRO A 172 -33.47 -12.15 13.97
N PRO A 173 -34.54 -12.49 14.70
CA PRO A 173 -35.37 -11.41 15.26
C PRO A 173 -34.59 -10.53 16.23
N ASP A 174 -33.83 -11.13 17.13
CA ASP A 174 -33.00 -10.39 18.08
C ASP A 174 -31.60 -10.25 17.48
N PRO A 175 -31.15 -9.05 17.12
CA PRO A 175 -29.83 -8.90 16.51
C PRO A 175 -28.68 -9.34 17.42
N GLN A 176 -28.95 -9.59 18.71
CA GLN A 176 -27.92 -10.10 19.61
C GLN A 176 -27.76 -11.61 19.53
N ALA A 177 -28.67 -12.31 18.87
CA ALA A 177 -28.57 -13.75 18.67
C ALA A 177 -28.06 -14.12 17.28
N ALA A 178 -27.48 -13.17 16.56
CA ALA A 178 -26.98 -13.44 15.22
C ALA A 178 -25.79 -14.38 15.27
N PHE A 179 -25.63 -15.15 14.18
CA PHE A 179 -24.61 -16.17 14.00
C PHE A 179 -24.86 -17.41 14.86
N SER A 180 -26.09 -17.63 15.31
CA SER A 180 -26.46 -18.80 16.09
C SER A 180 -27.23 -19.79 15.22
N TYR A 181 -27.27 -21.03 15.68
CA TYR A 181 -28.00 -22.10 15.02
C TYR A 181 -29.03 -22.67 15.99
N GLU A 182 -30.26 -22.85 15.51
CA GLU A 182 -31.22 -23.66 16.25
C GLU A 182 -30.62 -25.04 16.47
N GLU A 183 -30.78 -25.57 17.68
CA GLU A 183 -30.03 -26.75 18.11
C GLU A 183 -30.13 -27.92 17.13
N THR A 184 -31.08 -27.89 16.21
CA THR A 184 -31.27 -28.98 15.27
C THR A 184 -30.76 -28.69 13.87
N ALA A 185 -30.46 -27.42 13.56
CA ALA A 185 -29.86 -27.05 12.28
C ALA A 185 -28.34 -27.19 12.36
N LYS A 186 -27.91 -28.42 12.57
CA LYS A 186 -26.49 -28.74 12.67
C LYS A 186 -26.30 -30.18 12.22
N LEU A 187 -25.05 -30.52 11.89
CA LEU A 187 -24.68 -31.91 11.65
C LEU A 187 -24.12 -32.48 12.95
N ALA A 188 -24.74 -33.55 13.44
CA ALA A 188 -24.42 -34.12 14.75
C ALA A 188 -23.41 -35.25 14.56
N VAL A 189 -22.13 -34.92 14.69
CA VAL A 189 -21.05 -35.89 14.65
C VAL A 189 -20.63 -36.22 16.07
N GLY A 190 -20.28 -37.47 16.32
CA GLY A 190 -19.84 -37.89 17.63
C GLY A 190 -18.41 -37.50 17.94
N ARG A 191 -17.46 -38.27 17.40
CA ARG A 191 -16.04 -38.08 17.68
C ARG A 191 -15.44 -37.12 16.64
N LEU A 192 -15.61 -35.84 16.89
CA LEU A 192 -15.13 -34.83 15.93
C LEU A 192 -13.61 -34.96 15.76
N SER A 193 -12.91 -35.48 16.75
CA SER A 193 -11.43 -35.57 16.70
C SER A 193 -10.98 -36.77 15.89
N GLU A 194 -11.84 -37.77 15.77
CA GLU A 194 -11.45 -39.02 15.11
C GLU A 194 -11.89 -38.98 13.65
N TYR A 195 -12.62 -37.94 13.28
CA TYR A 195 -13.06 -37.77 11.87
C TYR A 195 -12.24 -36.62 11.31
N SER A 196 -11.64 -35.82 12.18
CA SER A 196 -10.84 -34.66 11.77
C SER A 196 -11.29 -34.13 10.41
N HIS A 197 -12.27 -33.24 10.44
CA HIS A 197 -12.82 -32.69 9.18
C HIS A 197 -11.89 -31.61 8.66
N HIS A 198 -11.56 -31.69 7.39
CA HIS A 198 -10.74 -30.65 6.73
C HIS A 198 -11.64 -30.18 5.60
N PHE A 199 -12.04 -28.93 5.63
CA PHE A 199 -13.01 -28.42 4.67
C PHE A 199 -12.32 -27.72 3.50
N VAL A 200 -12.86 -27.92 2.29
CA VAL A 200 -12.25 -27.39 1.08
C VAL A 200 -13.06 -26.21 0.57
N SER A 201 -14.31 -26.44 0.18
CA SER A 201 -15.15 -25.38 -0.35
C SER A 201 -16.61 -25.68 -0.03
N ALA A 202 -17.48 -24.75 -0.41
CA ALA A 202 -18.91 -24.89 -0.26
C ALA A 202 -19.59 -24.09 -1.35
N PHE A 203 -20.61 -24.68 -1.97
CA PHE A 203 -21.33 -24.05 -3.05
C PHE A 203 -22.80 -24.44 -2.96
N VAL A 204 -23.62 -23.75 -3.75
CA VAL A 204 -25.07 -23.97 -3.79
C VAL A 204 -25.46 -24.38 -5.19
N ARG A 205 -26.32 -25.39 -5.29
CA ARG A 205 -26.93 -25.81 -6.55
C ARG A 205 -28.44 -25.90 -6.34
N GLY A 206 -29.18 -25.07 -7.08
CA GLY A 206 -30.63 -25.04 -6.93
C GLY A 206 -31.08 -24.78 -5.50
N ALA A 207 -31.74 -25.77 -4.90
CA ALA A 207 -32.30 -25.64 -3.56
C ALA A 207 -31.48 -26.41 -2.52
N SER A 208 -30.23 -26.75 -2.82
CA SER A 208 -29.38 -27.51 -1.91
C SER A 208 -28.00 -26.87 -1.80
N ALA A 209 -27.36 -27.10 -0.66
CA ALA A 209 -25.99 -26.68 -0.42
C ALA A 209 -25.07 -27.89 -0.39
N TYR A 210 -23.84 -27.70 -0.87
CA TYR A 210 -22.89 -28.79 -0.99
C TYR A 210 -21.59 -28.42 -0.32
N PHE A 211 -20.91 -29.42 0.23
CA PHE A 211 -19.68 -29.21 1.00
C PHE A 211 -18.64 -30.22 0.56
N LEU A 212 -17.48 -29.72 0.13
CA LEU A 212 -16.33 -30.55 -0.19
C LEU A 212 -15.38 -30.56 1.00
N PHE A 213 -14.99 -31.75 1.44
CA PHE A 213 -14.17 -31.85 2.65
C PHE A 213 -13.49 -33.21 2.70
N LEU A 214 -12.48 -33.29 3.55
CA LEU A 214 -11.78 -34.57 3.79
C LEU A 214 -12.08 -34.97 5.23
N ARG A 215 -12.45 -36.23 5.45
CA ARG A 215 -12.64 -36.74 6.82
C ARG A 215 -12.08 -38.15 6.84
N ARG A 216 -12.01 -38.75 8.02
CA ARG A 216 -11.44 -40.10 8.15
C ARG A 216 -12.53 -41.15 8.11
N ASP A 217 -12.31 -42.22 7.35
CA ASP A 217 -13.24 -43.35 7.32
C ASP A 217 -12.85 -44.29 8.46
N LEU A 218 -13.46 -44.07 9.62
CA LEU A 218 -13.14 -44.82 10.83
C LEU A 218 -13.48 -46.29 10.68
N LYS A 219 -14.21 -46.64 9.61
CA LYS A 219 -14.62 -48.01 9.36
C LYS A 219 -13.72 -48.68 8.32
N ALA A 220 -12.39 -48.38 8.29
CA ALA A 220 -11.73 -48.57 7.01
C ALA A 220 -10.26 -48.92 7.32
N PRO A 221 -9.34 -49.25 6.39
CA PRO A 221 -7.98 -49.55 6.92
C PRO A 221 -7.19 -48.28 7.37
N SER A 222 -6.48 -48.39 8.46
CA SER A 222 -5.71 -47.22 8.97
C SER A 222 -6.64 -46.05 9.31
N ARG A 223 -7.95 -46.25 9.36
CA ARG A 223 -8.85 -45.10 9.60
C ARG A 223 -8.29 -43.98 8.75
N ALA A 224 -8.45 -44.09 7.44
CA ALA A 224 -7.77 -43.14 6.55
C ALA A 224 -8.62 -41.97 6.13
N PHE A 225 -7.96 -40.91 5.69
CA PHE A 225 -8.69 -39.73 5.20
C PHE A 225 -9.18 -40.01 3.79
N ARG A 226 -10.46 -39.73 3.54
CA ARG A 226 -11.07 -39.84 2.23
C ARG A 226 -11.70 -38.50 1.86
N ALA A 227 -12.06 -38.36 0.59
CA ALA A 227 -12.67 -37.15 0.08
C ALA A 227 -14.18 -37.33 -0.04
N TYR A 228 -14.95 -36.42 0.55
CA TYR A 228 -16.40 -36.50 0.53
C TYR A 228 -17.01 -35.20 0.02
N VAL A 229 -18.16 -35.34 -0.62
CA VAL A 229 -19.07 -34.23 -0.86
C VAL A 229 -20.37 -34.55 -0.14
N SER A 230 -21.02 -33.52 0.39
CA SER A 230 -22.26 -33.69 1.13
C SER A 230 -23.27 -32.67 0.66
N ARG A 231 -24.55 -33.03 0.78
CA ARG A 231 -25.65 -32.20 0.30
C ARG A 231 -26.65 -32.00 1.41
N VAL A 232 -27.25 -30.80 1.46
CA VAL A 232 -28.31 -30.52 2.41
C VAL A 232 -29.31 -29.58 1.74
N CYS A 233 -30.60 -29.90 1.88
CA CYS A 233 -31.65 -28.99 1.47
C CYS A 233 -31.46 -27.66 2.16
N LEU A 234 -31.56 -26.56 1.39
CA LEU A 234 -31.40 -25.24 1.98
C LEU A 234 -32.47 -24.96 3.04
N GLN A 235 -33.67 -25.50 2.83
CA GLN A 235 -34.80 -25.25 3.72
C GLN A 235 -34.76 -26.10 4.99
N ASP A 236 -34.03 -27.22 4.97
CA ASP A 236 -34.05 -28.19 6.06
C ASP A 236 -33.42 -27.57 7.30
N GLN A 237 -34.25 -27.13 8.24
CA GLN A 237 -33.77 -26.65 9.53
C GLN A 237 -33.48 -27.76 10.51
N HIS A 238 -33.46 -29.03 10.06
CA HIS A 238 -33.19 -30.15 10.94
C HIS A 238 -32.17 -31.12 10.37
N TYR A 239 -31.64 -30.86 9.16
CA TYR A 239 -30.61 -31.68 8.53
C TYR A 239 -31.10 -33.11 8.25
N TYR A 240 -32.41 -33.31 8.11
CA TYR A 240 -32.90 -34.63 7.75
C TYR A 240 -32.39 -35.06 6.38
N SER A 241 -32.11 -34.09 5.51
CA SER A 241 -31.76 -34.35 4.11
C SER A 241 -30.27 -34.64 3.90
N TYR A 242 -29.47 -34.68 4.97
CA TYR A 242 -28.03 -34.70 4.81
C TYR A 242 -27.55 -36.04 4.27
N VAL A 243 -26.82 -36.00 3.15
CA VAL A 243 -26.19 -37.16 2.54
C VAL A 243 -24.72 -36.87 2.32
N GLU A 244 -23.93 -37.95 2.22
CA GLU A 244 -22.49 -37.86 2.06
C GLU A 244 -22.04 -38.87 1.02
N LEU A 245 -21.42 -38.38 -0.06
CA LEU A 245 -20.77 -39.28 -1.01
C LEU A 245 -19.26 -39.16 -0.89
N PRO A 246 -18.53 -40.27 -0.93
CA PRO A 246 -17.07 -40.17 -1.10
C PRO A 246 -16.70 -39.99 -2.57
N LEU A 247 -15.66 -39.19 -2.80
CA LEU A 247 -15.20 -38.90 -4.14
C LEU A 247 -13.79 -39.45 -4.34
N ALA A 248 -13.57 -40.12 -5.48
CA ALA A 248 -12.29 -40.73 -5.76
C ALA A 248 -11.95 -40.49 -7.23
N CYS A 249 -10.67 -40.26 -7.53
CA CYS A 249 -10.18 -40.14 -8.92
C CYS A 249 -9.16 -41.24 -9.16
N GLN A 250 -9.36 -42.08 -10.17
CA GLN A 250 -8.44 -43.22 -10.48
C GLN A 250 -8.28 -44.08 -9.24
N GLY A 251 -9.39 -44.42 -8.57
CA GLY A 251 -9.31 -45.34 -7.43
C GLY A 251 -8.57 -44.74 -6.24
N GLY A 252 -7.59 -43.89 -6.46
CA GLY A 252 -6.97 -43.28 -5.30
C GLY A 252 -5.45 -43.25 -5.40
N ARG A 253 -4.90 -43.44 -6.61
CA ARG A 253 -3.45 -43.29 -6.81
C ARG A 253 -2.94 -41.98 -6.26
N TYR A 254 -3.80 -40.97 -6.17
CA TYR A 254 -3.50 -39.66 -5.64
C TYR A 254 -4.32 -39.45 -4.37
N GLY A 255 -5.59 -39.08 -4.50
CA GLY A 255 -6.59 -39.39 -3.51
C GLY A 255 -6.87 -38.39 -2.41
N LEU A 256 -6.53 -37.12 -2.59
CA LEU A 256 -6.91 -36.13 -1.58
C LEU A 256 -7.30 -34.84 -2.28
N ILE A 257 -8.58 -34.55 -2.37
CA ILE A 257 -9.07 -33.33 -3.01
C ILE A 257 -8.47 -32.14 -2.27
N GLN A 258 -7.87 -31.23 -3.03
CA GLN A 258 -7.17 -30.07 -2.42
C GLN A 258 -7.89 -28.78 -2.79
N ALA A 259 -8.47 -28.71 -3.98
CA ALA A 259 -9.25 -27.56 -4.39
C ALA A 259 -10.20 -27.99 -5.48
N ALA A 260 -11.24 -27.19 -5.69
CA ALA A 260 -12.21 -27.48 -6.73
C ALA A 260 -12.95 -26.21 -7.09
N ALA A 261 -13.52 -26.21 -8.29
CA ALA A 261 -14.26 -25.06 -8.79
C ALA A 261 -15.10 -25.50 -9.96
N VAL A 262 -16.15 -24.72 -10.21
CA VAL A 262 -17.02 -24.90 -11.35
C VAL A 262 -16.68 -23.82 -12.36
N ALA A 263 -17.08 -24.06 -13.62
CA ALA A 263 -16.73 -23.17 -14.72
C ALA A 263 -17.51 -21.85 -14.61
N THR A 264 -16.80 -20.76 -14.36
CA THR A 264 -17.38 -19.43 -14.21
C THR A 264 -17.11 -18.64 -15.49
N SER A 265 -18.16 -18.24 -16.19
CA SER A 265 -18.00 -17.56 -17.47
C SER A 265 -19.13 -16.55 -17.66
N LYS A 266 -18.96 -15.69 -18.67
CA LYS A 266 -20.00 -14.72 -19.02
C LYS A 266 -21.28 -15.42 -19.45
N GLU A 267 -21.16 -16.44 -20.31
CA GLU A 267 -22.33 -17.13 -20.82
C GLU A 267 -23.02 -17.95 -19.74
N VAL A 268 -22.26 -18.78 -19.04
CA VAL A 268 -22.76 -19.55 -17.90
C VAL A 268 -21.98 -19.13 -16.67
N ALA A 269 -22.68 -18.60 -15.67
CA ALA A 269 -22.01 -18.10 -14.46
C ALA A 269 -21.59 -19.23 -13.53
N ARG A 270 -22.36 -20.30 -13.46
CA ARG A 270 -22.02 -21.44 -12.60
C ARG A 270 -22.45 -22.71 -13.32
N GLY A 271 -21.50 -23.37 -13.97
CA GLY A 271 -21.80 -24.59 -14.71
C GLY A 271 -22.24 -25.74 -13.82
N ASP A 272 -22.28 -26.95 -14.37
CA ASP A 272 -22.77 -28.12 -13.64
C ASP A 272 -21.74 -29.24 -13.57
N VAL A 273 -20.46 -28.93 -13.72
CA VAL A 273 -19.38 -29.92 -13.60
C VAL A 273 -18.38 -29.38 -12.59
N LEU A 274 -17.98 -30.23 -11.64
CA LEU A 274 -17.08 -29.84 -10.55
C LEU A 274 -15.67 -30.33 -10.88
N PHE A 275 -14.78 -29.39 -11.17
CA PHE A 275 -13.40 -29.70 -11.51
C PHE A 275 -12.57 -29.79 -10.23
N ALA A 276 -12.05 -30.96 -9.95
CA ALA A 276 -11.41 -31.27 -8.68
C ALA A 276 -9.93 -31.54 -8.87
N ALA A 277 -9.12 -31.03 -7.95
CA ALA A 277 -7.67 -31.22 -7.95
C ALA A 277 -7.29 -32.16 -6.80
N PHE A 278 -6.61 -33.25 -7.13
CA PHE A 278 -6.13 -34.21 -6.16
C PHE A 278 -4.61 -34.18 -6.12
N SER A 279 -4.06 -34.56 -4.96
CA SER A 279 -2.59 -34.59 -4.80
C SER A 279 -2.15 -35.87 -4.13
N SER A 280 -0.85 -36.06 -4.01
CA SER A 280 -0.27 -37.28 -3.41
C SER A 280 0.62 -36.90 -2.23
N GLY A 298 5.63 -35.25 -5.90
CA GLY A 298 4.49 -36.12 -6.02
C GLY A 298 3.46 -35.59 -7.00
N THR A 299 2.77 -36.50 -7.68
CA THR A 299 1.93 -36.13 -8.81
C THR A 299 0.54 -35.67 -8.37
N SER A 300 0.06 -34.60 -9.03
CA SER A 300 -1.30 -34.12 -8.88
C SER A 300 -2.11 -34.44 -10.13
N VAL A 301 -3.41 -34.19 -10.04
CA VAL A 301 -4.34 -34.69 -11.05
C VAL A 301 -5.62 -33.87 -10.97
N LEU A 302 -6.28 -33.71 -12.12
CA LEU A 302 -7.48 -32.88 -12.22
C LEU A 302 -8.59 -33.71 -12.85
N CYS A 303 -9.72 -33.83 -12.14
CA CYS A 303 -10.80 -34.71 -12.55
C CYS A 303 -12.11 -33.92 -12.61
N ALA A 304 -13.08 -34.49 -13.32
CA ALA A 304 -14.40 -33.89 -13.48
C ALA A 304 -15.45 -34.78 -12.87
N PHE A 305 -16.26 -34.22 -11.98
CA PHE A 305 -17.46 -34.87 -11.46
C PHE A 305 -18.65 -34.06 -11.92
N PRO A 306 -19.41 -34.51 -12.92
CA PRO A 306 -20.62 -33.79 -13.30
C PRO A 306 -21.63 -33.80 -12.17
N LEU A 307 -22.18 -32.61 -11.87
CA LEU A 307 -22.97 -32.45 -10.65
C LEU A 307 -24.30 -33.18 -10.70
N ASP A 308 -24.76 -33.58 -11.89
CA ASP A 308 -25.92 -34.45 -11.96
C ASP A 308 -25.59 -35.90 -11.60
N GLU A 309 -24.33 -36.30 -11.78
CA GLU A 309 -23.89 -37.60 -11.29
C GLU A 309 -23.78 -37.61 -9.77
N VAL A 310 -23.47 -36.46 -9.17
CA VAL A 310 -23.48 -36.36 -7.70
C VAL A 310 -24.91 -36.43 -7.18
N ASP A 311 -25.83 -35.69 -7.82
CA ASP A 311 -27.23 -35.71 -7.40
C ASP A 311 -27.85 -37.09 -7.61
N GLN A 312 -27.37 -37.83 -8.60
CA GLN A 312 -27.89 -39.18 -8.84
C GLN A 312 -27.49 -40.12 -7.70
N LEU A 313 -26.18 -40.24 -7.43
CA LEU A 313 -25.72 -41.13 -6.38
C LEU A 313 -26.23 -40.70 -5.02
N ALA A 314 -26.44 -39.40 -4.82
CA ALA A 314 -27.07 -38.94 -3.58
C ALA A 314 -28.51 -39.43 -3.50
N ASN A 315 -29.26 -39.30 -4.59
CA ASN A 315 -30.64 -39.77 -4.60
C ASN A 315 -30.71 -41.28 -4.48
N TYR A 316 -29.83 -42.00 -5.18
CA TYR A 316 -29.79 -43.45 -5.05
C TYR A 316 -29.48 -43.87 -3.62
N THR A 317 -28.60 -43.12 -2.95
CA THR A 317 -28.26 -43.42 -1.57
C THR A 317 -29.43 -43.15 -0.62
N ARG A 318 -30.21 -42.10 -0.91
CA ARG A 318 -31.42 -41.85 -0.13
C ARG A 318 -32.43 -42.97 -0.32
N ASP A 319 -32.75 -43.30 -1.58
CA ASP A 319 -33.75 -44.33 -1.85
C ASP A 319 -33.36 -45.66 -1.22
N ALA A 320 -32.07 -45.99 -1.23
CA ALA A 320 -31.62 -47.25 -0.66
C ALA A 320 -31.81 -47.29 0.86
N CYS A 321 -31.30 -46.27 1.56
CA CYS A 321 -31.41 -46.24 3.02
C CYS A 321 -32.81 -45.96 3.51
N TYR A 322 -33.64 -45.28 2.71
CA TYR A 322 -35.02 -45.04 3.10
C TYR A 322 -35.87 -46.29 2.97
N THR A 323 -35.71 -47.04 1.87
CA THR A 323 -36.67 -48.06 1.46
C THR A 323 -36.15 -49.49 1.55
N ARG A 324 -34.89 -49.75 1.20
CA ARG A 324 -34.37 -51.11 1.15
C ARG A 324 -33.31 -51.38 2.23
N GLU A 325 -33.46 -50.72 3.38
CA GLU A 325 -32.59 -50.92 4.54
C GLU A 325 -31.11 -50.78 4.17
N GLY A 326 -30.80 -49.71 3.45
CA GLY A 326 -29.44 -49.44 3.04
C GLY A 326 -28.87 -50.38 2.01
N ARG A 327 -29.56 -51.48 1.71
CA ARG A 327 -29.10 -52.44 0.73
C ARG A 327 -29.65 -52.09 -0.66
N ALA A 328 -29.05 -52.69 -1.67
CA ALA A 328 -29.47 -52.45 -3.05
C ALA A 328 -30.48 -53.54 -3.44
N GLU A 329 -30.73 -53.70 -4.75
CA GLU A 329 -31.64 -54.74 -5.19
C GLU A 329 -30.98 -56.11 -5.11
N ASN A 330 -29.72 -56.20 -5.56
CA ASN A 330 -28.99 -57.46 -5.44
C ASN A 330 -28.70 -57.81 -3.99
N GLY A 331 -28.76 -56.83 -3.08
CA GLY A 331 -28.52 -57.07 -1.68
C GLY A 331 -27.20 -56.57 -1.13
N THR A 332 -26.39 -55.88 -1.94
CA THR A 332 -25.15 -55.32 -1.46
C THR A 332 -25.43 -54.08 -0.60
N LYS A 333 -24.69 -53.94 0.50
CA LYS A 333 -24.81 -52.76 1.33
C LYS A 333 -24.28 -51.55 0.55
N VAL A 334 -25.16 -50.59 0.27
CA VAL A 334 -24.84 -49.43 -0.56
C VAL A 334 -24.81 -48.16 0.28
N ALA A 335 -25.86 -47.92 1.05
CA ALA A 335 -25.93 -46.76 1.92
C ALA A 335 -25.86 -47.20 3.38
N ASP A 336 -25.61 -46.22 4.26
CA ASP A 336 -25.54 -46.49 5.68
C ASP A 336 -25.76 -45.19 6.43
N ILE A 337 -26.13 -45.32 7.71
CA ILE A 337 -26.21 -44.15 8.57
C ILE A 337 -24.81 -43.62 8.83
N ALA A 338 -24.69 -42.32 8.96
CA ALA A 338 -23.33 -41.78 9.08
C ALA A 338 -22.97 -41.27 10.47
N TYR A 339 -21.68 -41.32 10.82
CA TYR A 339 -21.14 -40.65 12.02
C TYR A 339 -21.67 -41.07 13.39
N ASP A 340 -21.48 -42.32 13.79
CA ASP A 340 -21.78 -42.70 15.20
C ASP A 340 -23.23 -42.44 15.60
N VAL A 341 -24.04 -41.87 14.72
CA VAL A 341 -25.45 -41.52 15.09
C VAL A 341 -26.16 -42.83 15.36
N LEU A 342 -27.22 -42.79 16.14
CA LEU A 342 -27.85 -44.03 16.61
C LEU A 342 -29.11 -44.38 15.82
N SER A 343 -29.10 -44.16 14.51
CA SER A 343 -30.21 -44.52 13.65
C SER A 343 -29.84 -45.73 12.81
N ASP A 344 -30.82 -46.17 12.03
CA ASP A 344 -30.58 -47.27 11.08
C ASP A 344 -31.38 -46.98 9.80
N CYS A 345 -31.01 -47.59 8.68
CA CYS A 345 -31.79 -47.49 7.48
C CYS A 345 -33.15 -48.18 7.71
N ALA A 346 -34.03 -48.11 6.72
CA ALA A 346 -35.43 -48.46 6.96
C ALA A 346 -36.03 -49.20 5.77
N GLN A 347 -37.25 -49.71 6.00
CA GLN A 347 -38.08 -50.27 4.95
C GLN A 347 -39.31 -49.39 4.74
N LEU A 348 -39.09 -48.09 4.59
CA LEU A 348 -40.19 -47.18 4.34
C LEU A 348 -40.76 -47.40 2.94
N PRO A 349 -41.99 -46.96 2.70
CA PRO A 349 -42.59 -47.10 1.36
C PRO A 349 -41.74 -46.49 0.26
N VAL A 350 -41.93 -46.93 -0.99
CA VAL A 350 -41.11 -46.44 -2.10
C VAL A 350 -41.43 -45.00 -2.46
N ASP A 351 -42.62 -44.50 -2.12
CA ASP A 351 -42.98 -43.12 -2.41
C ASP A 351 -42.56 -42.16 -1.30
N THR A 352 -41.95 -42.67 -0.24
CA THR A 352 -41.41 -41.81 0.82
C THR A 352 -40.47 -40.74 0.30
N PRO A 353 -39.49 -41.03 -0.58
CA PRO A 353 -38.62 -39.94 -1.05
C PRO A 353 -39.35 -38.91 -1.87
N ASP A 354 -40.22 -39.34 -2.78
CA ASP A 354 -41.01 -38.42 -3.59
C ASP A 354 -42.07 -37.68 -2.78
N ALA A 355 -42.25 -38.02 -1.50
CA ALA A 355 -43.14 -37.31 -0.60
C ALA A 355 -42.41 -36.49 0.45
N PHE A 356 -41.20 -36.89 0.83
CA PHE A 356 -40.39 -36.15 1.79
C PHE A 356 -38.97 -36.04 1.25
N PRO A 357 -38.78 -35.33 0.13
CA PRO A 357 -37.44 -35.29 -0.50
C PRO A 357 -36.38 -34.66 0.38
N CYS A 358 -36.76 -33.89 1.39
CA CYS A 358 -35.80 -33.31 2.33
C CYS A 358 -35.89 -33.95 3.71
N GLY A 359 -36.48 -35.15 3.80
CA GLY A 359 -36.55 -35.87 5.06
C GLY A 359 -37.76 -35.50 5.89
N SER A 360 -37.78 -36.04 7.11
CA SER A 360 -38.90 -35.83 8.02
C SER A 360 -38.45 -36.18 9.43
N ASP A 361 -39.41 -36.12 10.36
CA ASP A 361 -39.17 -36.54 11.73
C ASP A 361 -38.62 -37.95 11.81
N HIS A 362 -39.17 -38.86 11.01
CA HIS A 362 -38.86 -40.28 11.10
C HIS A 362 -38.53 -40.83 9.72
N THR A 363 -37.53 -40.22 9.09
CA THR A 363 -36.80 -40.73 7.95
C THR A 363 -35.34 -40.91 8.36
N PRO A 364 -34.66 -41.93 7.82
CA PRO A 364 -33.25 -42.14 8.18
C PRO A 364 -32.40 -40.91 7.94
N SER A 365 -31.48 -40.64 8.87
CA SER A 365 -30.56 -39.51 8.81
C SER A 365 -29.54 -39.59 9.94
N PRO A 366 -28.29 -39.12 9.72
CA PRO A 366 -27.70 -38.71 8.45
C PRO A 366 -27.29 -39.93 7.65
N MET A 367 -27.03 -39.77 6.35
CA MET A 367 -26.76 -40.90 5.47
C MET A 367 -25.43 -40.73 4.76
N VAL A 368 -24.88 -41.86 4.30
CA VAL A 368 -23.64 -41.90 3.55
C VAL A 368 -23.70 -43.04 2.55
N SER A 369 -23.22 -42.78 1.34
CA SER A 369 -23.03 -43.84 0.35
C SER A 369 -21.76 -44.61 0.68
N CYS A 370 -21.87 -45.93 0.77
CA CYS A 370 -20.70 -46.77 0.84
C CYS A 370 -20.03 -46.93 -0.53
N VAL A 371 -20.69 -46.47 -1.59
CA VAL A 371 -20.22 -46.60 -2.97
C VAL A 371 -19.70 -45.24 -3.40
N PRO A 372 -18.42 -45.12 -3.77
CA PRO A 372 -17.88 -43.81 -4.15
C PRO A 372 -18.24 -43.44 -5.58
N LEU A 373 -18.25 -42.13 -5.83
CA LEU A 373 -18.33 -41.60 -7.18
C LEU A 373 -16.91 -41.49 -7.70
N GLU A 374 -16.56 -42.35 -8.66
CA GLU A 374 -15.22 -42.36 -9.22
C GLU A 374 -15.16 -41.51 -10.47
N ALA A 375 -13.96 -40.96 -10.73
CA ALA A 375 -13.70 -40.18 -11.92
C ALA A 375 -12.37 -40.61 -12.52
N THR A 376 -12.32 -40.66 -13.84
CA THR A 376 -10.97 -40.83 -14.34
C THR A 376 -10.35 -39.47 -14.64
N PRO A 377 -9.05 -39.33 -14.46
CA PRO A 377 -8.41 -38.02 -14.64
C PRO A 377 -8.54 -37.49 -16.06
N ILE A 378 -8.39 -36.18 -16.18
CA ILE A 378 -8.29 -35.52 -17.48
C ILE A 378 -6.94 -34.85 -17.67
N LEU A 379 -6.08 -34.89 -16.66
CA LEU A 379 -4.77 -34.25 -16.73
C LEU A 379 -3.94 -34.65 -15.52
N GLU A 380 -2.66 -34.95 -15.76
CA GLU A 380 -1.69 -35.21 -14.70
C GLU A 380 -0.57 -34.18 -14.76
N LEU A 381 -0.17 -33.70 -13.59
CA LEU A 381 0.98 -32.81 -13.47
C LEU A 381 2.02 -33.47 -12.57
N PRO A 382 3.15 -33.95 -13.12
CA PRO A 382 4.13 -34.69 -12.32
C PRO A 382 4.58 -34.01 -11.03
N GLY A 383 5.60 -33.15 -11.09
CA GLY A 383 6.17 -32.60 -9.88
C GLY A 383 5.37 -31.47 -9.25
N VAL A 384 4.05 -31.53 -9.34
CA VAL A 384 3.18 -30.43 -8.97
C VAL A 384 2.24 -30.90 -7.87
N GLN A 385 2.11 -30.07 -6.83
CA GLN A 385 1.08 -30.24 -5.79
C GLN A 385 0.09 -29.09 -5.95
N LEU A 386 -1.05 -29.38 -6.55
CA LEU A 386 -2.04 -28.36 -6.83
C LEU A 386 -2.71 -27.88 -5.53
N THR A 387 -2.95 -26.57 -5.46
CA THR A 387 -3.57 -25.96 -4.30
C THR A 387 -4.80 -25.13 -4.62
N ALA A 388 -5.06 -24.84 -5.90
CA ALA A 388 -6.14 -23.91 -6.26
C ALA A 388 -6.63 -24.22 -7.66
N VAL A 389 -7.93 -24.06 -7.88
CA VAL A 389 -8.57 -24.35 -9.17
C VAL A 389 -9.52 -23.20 -9.50
N ALA A 390 -9.66 -22.93 -10.81
CA ALA A 390 -10.61 -21.97 -11.36
C ALA A 390 -10.75 -22.23 -12.85
N VAL A 391 -11.99 -22.16 -13.37
CA VAL A 391 -12.31 -22.57 -14.73
C VAL A 391 -13.24 -21.55 -15.37
N THR A 392 -13.07 -21.34 -16.67
CA THR A 392 -13.93 -20.43 -17.44
C THR A 392 -14.05 -20.95 -18.87
N MET A 393 -14.63 -20.14 -19.75
CA MET A 393 -14.87 -20.51 -21.14
C MET A 393 -14.59 -19.35 -22.07
N GLU A 394 -13.80 -19.63 -23.11
CA GLU A 394 -13.53 -18.65 -24.20
C GLU A 394 -14.06 -19.32 -25.46
N ASP A 395 -15.01 -18.71 -26.14
CA ASP A 395 -15.69 -19.38 -27.28
C ASP A 395 -16.37 -20.60 -26.70
N GLY A 396 -16.07 -21.79 -27.20
CA GLY A 396 -16.64 -22.99 -26.58
C GLY A 396 -15.52 -23.74 -25.91
N HIS A 397 -14.35 -23.15 -25.93
CA HIS A 397 -13.16 -23.74 -25.32
C HIS A 397 -13.19 -23.51 -23.81
N THR A 398 -13.01 -24.61 -23.07
CA THR A 398 -12.98 -24.55 -21.60
C THR A 398 -11.51 -24.46 -21.17
N ILE A 399 -11.22 -23.50 -20.30
CA ILE A 399 -9.84 -23.20 -19.90
C ILE A 399 -9.77 -23.22 -18.38
N ALA A 400 -8.75 -23.88 -17.84
CA ALA A 400 -8.57 -24.04 -16.42
C ALA A 400 -7.34 -23.26 -15.94
N PHE A 401 -7.45 -22.67 -14.75
CA PHE A 401 -6.35 -21.97 -14.10
C PHE A 401 -6.04 -22.68 -12.80
N LEU A 402 -4.79 -23.10 -12.62
CA LEU A 402 -4.41 -24.00 -11.54
C LEU A 402 -3.21 -23.43 -10.79
N GLY A 403 -3.34 -23.27 -9.48
CA GLY A 403 -2.24 -22.85 -8.63
C GLY A 403 -1.64 -24.03 -7.90
N ASP A 404 -0.36 -23.92 -7.58
CA ASP A 404 0.36 -25.01 -6.91
C ASP A 404 1.05 -24.52 -5.65
N SER A 405 1.62 -25.47 -4.92
CA SER A 405 2.28 -25.21 -3.66
C SER A 405 3.58 -24.40 -3.80
N GLN A 406 4.03 -24.16 -5.03
CA GLN A 406 5.26 -23.42 -5.28
C GLN A 406 5.00 -22.04 -5.86
N GLY A 407 3.77 -21.55 -5.76
CA GLY A 407 3.44 -20.23 -6.25
C GLY A 407 3.34 -20.12 -7.75
N GLN A 408 3.03 -21.21 -8.42
CA GLN A 408 2.91 -21.21 -9.87
C GLN A 408 1.45 -21.18 -10.29
N LEU A 409 1.21 -20.58 -11.46
CA LEU A 409 -0.11 -20.53 -12.06
C LEU A 409 -0.04 -21.24 -13.41
N HIS A 410 -0.62 -22.44 -13.48
CA HIS A 410 -0.70 -23.18 -14.73
C HIS A 410 -2.01 -22.85 -15.44
N ARG A 411 -1.93 -22.50 -16.70
CA ARG A 411 -3.09 -22.33 -17.57
C ARG A 411 -3.20 -23.53 -18.49
N VAL A 412 -4.39 -24.12 -18.55
CA VAL A 412 -4.59 -25.42 -19.19
C VAL A 412 -5.84 -25.37 -20.07
N TYR A 413 -5.74 -25.95 -21.26
CA TYR A 413 -6.89 -26.04 -22.18
C TYR A 413 -7.47 -27.46 -22.16
N LEU A 414 -8.74 -27.59 -21.78
CA LEU A 414 -9.44 -28.89 -21.79
C LEU A 414 -10.36 -28.81 -23.00
N GLY A 415 -11.24 -27.82 -23.05
CA GLY A 415 -12.09 -27.53 -24.22
C GLY A 415 -12.77 -28.65 -24.95
N PRO A 416 -13.16 -28.45 -26.23
CA PRO A 416 -13.88 -29.45 -27.00
C PRO A 416 -12.96 -30.42 -27.74
N GLY A 417 -11.70 -30.48 -27.34
CA GLY A 417 -10.79 -31.48 -27.93
C GLY A 417 -10.75 -32.71 -27.07
N ARG A 418 -9.56 -33.23 -26.78
CA ARG A 418 -9.43 -34.38 -25.89
C ARG A 418 -8.02 -34.39 -25.32
N SER A 419 -7.91 -34.77 -24.04
CA SER A 419 -6.67 -34.69 -23.27
C SER A 419 -6.23 -33.24 -23.11
N ALA A 420 -6.03 -32.81 -21.86
CA ALA A 420 -5.75 -31.42 -21.59
C ALA A 420 -4.37 -31.01 -22.11
N ALA A 421 -4.24 -29.72 -22.41
CA ALA A 421 -2.99 -29.16 -22.90
C ALA A 421 -2.55 -28.01 -22.00
N PRO A 422 -1.57 -28.23 -21.11
CA PRO A 422 -1.00 -27.10 -20.36
C PRO A 422 -0.19 -26.23 -21.30
N TYR A 423 -0.58 -24.96 -21.43
CA TYR A 423 0.01 -24.08 -22.42
C TYR A 423 0.79 -22.91 -21.84
N SER A 424 0.72 -22.65 -20.54
CA SER A 424 1.47 -21.56 -19.94
C SER A 424 1.72 -21.86 -18.46
N LYS A 425 2.75 -21.21 -17.93
CA LYS A 425 3.10 -21.33 -16.51
C LYS A 425 3.83 -20.07 -16.07
N GLN A 426 3.42 -19.52 -14.94
CA GLN A 426 4.03 -18.30 -14.38
C GLN A 426 4.32 -18.54 -12.90
N SER A 427 5.22 -17.73 -12.37
CA SER A 427 5.63 -17.82 -10.96
C SER A 427 5.16 -16.56 -10.25
N ILE A 428 4.11 -16.65 -9.44
CA ILE A 428 3.54 -15.46 -8.74
C ILE A 428 4.47 -15.07 -7.59
N GLN A 429 4.89 -16.04 -6.79
CA GLN A 429 5.88 -15.80 -5.71
C GLN A 429 6.54 -17.15 -5.47
N PRO A 430 7.89 -17.25 -5.41
CA PRO A 430 8.59 -18.54 -5.31
C PRO A 430 8.31 -19.25 -3.98
N GLY A 431 7.88 -20.50 -4.08
CA GLY A 431 7.69 -21.36 -2.94
C GLY A 431 6.54 -21.02 -2.01
N SER A 432 5.67 -20.13 -2.47
CA SER A 432 4.49 -19.70 -1.68
C SER A 432 3.23 -20.31 -2.27
N PRO A 433 2.50 -21.14 -1.51
CA PRO A 433 1.32 -21.79 -2.00
C PRO A 433 0.34 -20.77 -2.60
N VAL A 434 -0.43 -21.19 -3.60
CA VAL A 434 -1.45 -20.30 -4.19
C VAL A 434 -2.76 -20.54 -3.45
N ASN A 435 -3.49 -19.48 -3.15
CA ASN A 435 -4.75 -19.56 -2.41
C ASN A 435 -5.85 -20.07 -3.32
N ARG A 436 -6.73 -20.90 -2.76
CA ARG A 436 -7.86 -21.47 -3.53
C ARG A 436 -8.85 -20.38 -3.93
N ASP A 437 -8.76 -19.21 -3.31
CA ASP A 437 -9.74 -18.16 -3.56
C ASP A 437 -9.49 -17.44 -4.87
N LEU A 438 -9.32 -18.20 -5.96
CA LEU A 438 -9.11 -17.64 -7.28
C LEU A 438 -10.43 -17.07 -7.80
N THR A 439 -10.50 -15.75 -7.97
CA THR A 439 -11.71 -15.09 -8.42
C THR A 439 -11.46 -14.33 -9.72
N PHE A 440 -12.49 -14.29 -10.57
CA PHE A 440 -12.47 -13.56 -11.81
C PHE A 440 -12.98 -12.14 -11.60
N ASP A 441 -12.84 -11.29 -12.62
CA ASP A 441 -13.11 -9.86 -12.48
C ASP A 441 -14.48 -9.45 -13.02
N GLY A 442 -15.39 -10.40 -13.22
CA GLY A 442 -16.75 -10.08 -13.63
C GLY A 442 -16.96 -9.94 -15.13
N THR A 443 -16.04 -9.27 -15.81
CA THR A 443 -15.94 -9.37 -17.26
C THR A 443 -15.10 -10.56 -17.68
N PHE A 444 -14.58 -11.32 -16.71
CA PHE A 444 -13.81 -12.54 -16.93
C PHE A 444 -12.58 -12.29 -17.80
N GLU A 445 -12.11 -11.03 -17.82
CA GLU A 445 -10.89 -10.63 -18.50
C GLU A 445 -9.65 -10.78 -17.62
N HIS A 446 -9.82 -10.95 -16.31
CA HIS A 446 -8.70 -11.03 -15.40
C HIS A 446 -8.98 -12.08 -14.34
N LEU A 447 -7.92 -12.51 -13.67
CA LEU A 447 -8.00 -13.45 -12.55
C LEU A 447 -7.23 -12.87 -11.39
N TYR A 448 -7.83 -12.88 -10.20
CA TYR A 448 -7.18 -12.42 -8.99
C TYR A 448 -6.48 -13.60 -8.33
N VAL A 449 -5.16 -13.54 -8.24
CA VAL A 449 -4.34 -14.63 -7.74
C VAL A 449 -3.58 -14.13 -6.52
N ALA A 450 -3.58 -14.94 -5.47
CA ALA A 450 -2.90 -14.57 -4.21
C ALA A 450 -1.92 -15.66 -3.78
N THR A 451 -0.79 -15.27 -3.22
CA THR A 451 0.27 -16.23 -2.82
C THR A 451 0.76 -15.96 -1.41
N GLN A 452 -0.09 -16.01 -0.40
CA GLN A 452 0.37 -15.91 1.02
C GLN A 452 0.72 -14.46 1.37
N THR A 453 1.48 -13.79 0.54
CA THR A 453 1.93 -12.42 0.85
C THR A 453 1.65 -11.48 -0.33
N THR A 454 1.17 -11.99 -1.47
CA THR A 454 0.97 -11.14 -2.68
C THR A 454 -0.34 -11.45 -3.41
N LEU A 455 -1.05 -10.42 -3.84
CA LEU A 455 -2.29 -10.58 -4.61
C LEU A 455 -2.15 -9.78 -5.89
N VAL A 456 -2.41 -10.43 -7.04
CA VAL A 456 -2.13 -9.85 -8.34
C VAL A 456 -3.32 -10.03 -9.26
N LYS A 457 -3.56 -9.02 -10.10
CA LYS A 457 -4.52 -9.12 -11.20
C LYS A 457 -3.79 -9.67 -12.42
N VAL A 458 -4.40 -10.65 -13.09
CA VAL A 458 -3.72 -11.43 -14.11
C VAL A 458 -4.58 -11.46 -15.37
N PRO A 459 -4.10 -10.95 -16.50
CA PRO A 459 -4.89 -11.02 -17.73
C PRO A 459 -5.08 -12.45 -18.19
N VAL A 460 -6.34 -12.80 -18.49
CA VAL A 460 -6.60 -14.13 -19.04
C VAL A 460 -6.11 -14.21 -20.48
N ALA A 461 -6.09 -13.07 -21.18
CA ALA A 461 -5.69 -13.00 -22.59
C ALA A 461 -4.44 -12.12 -22.70
N PRO A 462 -3.25 -12.70 -22.56
CA PRO A 462 -2.01 -11.91 -22.65
C PRO A 462 -1.57 -11.70 -24.09
N CYS A 463 -2.52 -11.34 -24.96
CA CYS A 463 -2.25 -11.35 -26.39
C CYS A 463 -1.37 -10.18 -26.81
N ALA A 464 -1.62 -8.99 -26.23
CA ALA A 464 -0.95 -7.78 -26.70
C ALA A 464 0.57 -7.89 -26.64
N GLN A 465 1.09 -8.71 -25.72
CA GLN A 465 2.51 -9.01 -25.60
C GLN A 465 3.16 -9.19 -26.96
N HIS A 466 2.55 -10.03 -27.78
CA HIS A 466 3.06 -10.36 -29.11
C HIS A 466 2.44 -9.41 -30.13
N LEU A 467 3.31 -8.73 -30.90
CA LEU A 467 2.85 -7.73 -31.85
C LEU A 467 3.15 -8.08 -33.30
N ASP A 468 3.75 -9.23 -33.58
CA ASP A 468 3.81 -9.72 -34.95
C ASP A 468 3.25 -11.14 -35.00
N CYS A 469 3.04 -11.64 -36.22
CA CYS A 469 2.34 -12.92 -36.39
C CYS A 469 3.16 -14.07 -35.82
N ASP A 470 4.43 -14.19 -36.23
CA ASP A 470 5.27 -15.29 -35.77
C ASP A 470 5.31 -15.37 -34.25
N SER A 471 5.24 -14.23 -33.56
CA SER A 471 5.17 -14.24 -32.11
C SER A 471 3.82 -14.75 -31.61
N CYS A 472 2.72 -14.18 -32.13
CA CYS A 472 1.40 -14.55 -31.66
C CYS A 472 1.13 -16.03 -31.84
N LEU A 473 1.69 -16.65 -32.88
CA LEU A 473 1.49 -18.07 -33.09
C LEU A 473 2.59 -18.93 -32.48
N ALA A 474 3.73 -18.34 -32.12
CA ALA A 474 4.72 -19.07 -31.35
C ALA A 474 4.23 -19.31 -29.93
N HIS A 475 3.95 -18.23 -29.21
CA HIS A 475 3.37 -18.32 -27.86
C HIS A 475 1.88 -18.61 -28.01
N ARG A 476 1.50 -19.83 -27.69
CA ARG A 476 0.25 -20.43 -28.11
C ARG A 476 -0.76 -20.39 -26.97
N ASP A 477 -1.75 -19.51 -27.09
CA ASP A 477 -2.76 -19.31 -26.06
C ASP A 477 -4.14 -19.47 -26.70
N PRO A 478 -5.03 -20.25 -26.10
CA PRO A 478 -6.38 -20.44 -26.68
C PRO A 478 -7.18 -19.15 -26.81
N TYR A 479 -6.86 -18.11 -26.02
CA TYR A 479 -7.53 -16.83 -26.14
C TYR A 479 -7.08 -16.01 -27.34
N CYS A 480 -5.86 -16.23 -27.82
CA CYS A 480 -5.17 -15.28 -28.66
C CYS A 480 -5.06 -15.76 -30.10
N GLY A 481 -4.96 -14.78 -31.01
CA GLY A 481 -4.74 -15.06 -32.42
C GLY A 481 -4.41 -13.78 -33.15
N TRP A 482 -4.06 -13.92 -34.42
CA TRP A 482 -3.55 -12.82 -35.22
C TRP A 482 -4.69 -12.23 -36.04
N CYS A 483 -5.14 -11.03 -35.66
CA CYS A 483 -6.04 -10.24 -36.49
C CYS A 483 -5.19 -9.58 -37.58
N VAL A 484 -5.37 -10.01 -38.83
CA VAL A 484 -4.64 -9.39 -39.92
C VAL A 484 -5.29 -8.09 -40.34
N LEU A 485 -6.61 -7.95 -40.15
CA LEU A 485 -7.30 -6.70 -40.42
C LEU A 485 -6.63 -5.56 -39.67
N LEU A 486 -6.63 -5.62 -38.34
CA LEU A 486 -5.79 -4.76 -37.55
C LEU A 486 -4.36 -5.30 -37.57
N GLY A 487 -3.46 -4.66 -36.83
CA GLY A 487 -2.09 -5.13 -36.82
C GLY A 487 -1.75 -5.86 -35.53
N ARG A 488 -2.73 -6.57 -34.98
CA ARG A 488 -2.70 -6.95 -33.58
C ARG A 488 -2.90 -8.44 -33.38
N CYS A 489 -2.21 -8.99 -32.37
CA CYS A 489 -2.52 -10.28 -31.79
C CYS A 489 -3.54 -10.05 -30.67
N SER A 490 -4.73 -10.64 -30.81
CA SER A 490 -5.85 -10.27 -29.96
C SER A 490 -6.75 -11.48 -29.75
N ARG A 491 -7.77 -11.28 -28.90
CA ARG A 491 -8.88 -12.21 -28.83
C ARG A 491 -9.62 -12.25 -30.17
N ARG A 492 -10.50 -13.24 -30.33
CA ARG A 492 -11.35 -13.26 -31.51
C ARG A 492 -12.35 -12.10 -31.47
N SER A 493 -12.97 -11.89 -30.32
CA SER A 493 -13.99 -10.86 -30.16
C SER A 493 -13.48 -9.46 -30.44
N GLU A 494 -12.18 -9.31 -30.68
CA GLU A 494 -11.57 -8.00 -30.89
C GLU A 494 -11.28 -7.72 -32.37
N CYS A 495 -11.72 -8.59 -33.27
CA CYS A 495 -11.60 -8.33 -34.70
C CYS A 495 -12.86 -7.69 -35.23
N PRO A 501 -16.31 -9.06 -37.39
CA PRO A 501 -16.37 -10.39 -37.99
C PRO A 501 -15.39 -10.54 -39.15
N GLU A 502 -14.09 -10.64 -38.83
CA GLU A 502 -13.05 -10.58 -39.86
C GLU A 502 -12.18 -11.82 -39.89
N GLN A 503 -10.99 -11.70 -40.46
CA GLN A 503 -10.05 -12.81 -40.59
C GLN A 503 -9.12 -12.84 -39.39
N TRP A 504 -9.10 -13.95 -38.67
CA TRP A 504 -8.37 -14.08 -37.42
C TRP A 504 -7.80 -15.49 -37.34
N LEU A 505 -6.49 -15.59 -37.15
CA LEU A 505 -5.77 -16.86 -37.16
C LEU A 505 -5.53 -17.33 -35.74
N TRP A 506 -6.15 -18.46 -35.37
CA TRP A 506 -6.02 -18.98 -34.02
C TRP A 506 -4.58 -19.42 -33.75
N SER A 507 -4.06 -19.08 -32.58
CA SER A 507 -2.66 -19.43 -32.21
C SER A 507 -2.58 -20.88 -31.79
N PHE A 508 -3.67 -21.47 -31.33
CA PHE A 508 -3.62 -22.85 -30.80
C PHE A 508 -3.60 -23.85 -31.96
N GLN A 509 -4.69 -23.94 -32.71
CA GLN A 509 -4.72 -24.78 -33.93
C GLN A 509 -4.67 -23.82 -35.12
N PRO A 510 -3.48 -23.37 -35.58
CA PRO A 510 -3.40 -22.37 -36.62
C PRO A 510 -4.26 -22.63 -37.87
N GLU A 511 -3.90 -23.60 -38.70
CA GLU A 511 -4.62 -23.91 -39.98
C GLU A 511 -3.98 -23.15 -41.14
N LEU A 512 -3.18 -22.12 -40.86
CA LEU A 512 -2.54 -21.31 -41.93
C LEU A 512 -1.17 -20.80 -41.44
N GLY A 513 -0.53 -19.91 -42.20
CA GLY A 513 0.78 -19.39 -41.85
C GLY A 513 0.90 -17.89 -42.01
N CYS A 514 2.12 -17.41 -42.23
CA CYS A 514 2.34 -15.97 -42.35
C CYS A 514 3.52 -15.64 -43.26
N GLN B 1 -0.16 -31.76 11.31
CA GLN B 1 -0.12 -31.22 12.67
C GLN B 1 0.89 -30.08 12.75
N VAL B 2 0.38 -28.85 12.77
CA VAL B 2 1.25 -27.68 12.87
C VAL B 2 1.87 -27.63 14.26
N GLN B 3 3.20 -27.52 14.31
CA GLN B 3 3.89 -27.63 15.59
C GLN B 3 5.23 -26.92 15.51
N LEU B 4 5.71 -26.46 16.68
CA LEU B 4 7.05 -25.91 16.83
C LEU B 4 7.73 -26.62 17.99
N GLN B 5 8.90 -27.18 17.73
CA GLN B 5 9.67 -27.92 18.72
C GLN B 5 10.86 -27.07 19.15
N GLU B 6 11.08 -26.97 20.46
CA GLU B 6 12.28 -26.35 21.00
C GLU B 6 13.21 -27.43 21.55
N SER B 7 14.51 -27.25 21.32
CA SER B 7 15.51 -28.23 21.73
C SER B 7 16.74 -27.49 22.22
N GLY B 8 17.55 -28.18 23.03
CA GLY B 8 18.86 -27.69 23.42
C GLY B 8 18.95 -27.10 24.81
N GLY B 9 17.84 -26.83 25.47
CA GLY B 9 17.87 -26.29 26.81
C GLY B 9 18.41 -27.29 27.81
N GLY B 10 18.94 -26.77 28.91
CA GLY B 10 19.48 -27.61 29.97
C GLY B 10 20.09 -26.80 31.09
N LEU B 11 21.10 -27.36 31.76
CA LEU B 11 21.83 -26.68 32.82
C LEU B 11 23.20 -26.26 32.33
N VAL B 12 23.64 -25.08 32.77
CA VAL B 12 24.93 -24.53 32.36
C VAL B 12 25.56 -23.80 33.54
N GLN B 13 27.04 -23.64 33.15
CA GLN B 13 27.92 -22.89 34.06
C GLN B 13 27.91 -21.44 33.56
N PRO B 14 27.67 -20.36 34.56
CA PRO B 14 27.66 -19.00 34.02
C PRO B 14 28.82 -18.73 33.07
N GLY B 15 28.60 -17.80 32.13
CA GLY B 15 29.56 -17.60 31.07
C GLY B 15 29.55 -18.68 30.01
N GLY B 16 28.64 -19.65 30.11
CA GLY B 16 28.63 -20.76 29.19
C GLY B 16 27.83 -20.49 27.93
N SER B 17 28.06 -21.32 26.92
CA SER B 17 27.34 -21.26 25.67
C SER B 17 26.25 -22.32 25.63
N LEU B 18 25.33 -22.16 24.68
CA LEU B 18 24.19 -23.05 24.52
C LEU B 18 23.46 -22.69 23.24
N ARG B 19 23.12 -23.71 22.45
CA ARG B 19 22.38 -23.46 21.19
C ARG B 19 21.01 -24.10 21.25
N LEU B 20 19.99 -23.28 21.23
CA LEU B 20 18.61 -23.73 21.15
C LEU B 20 18.16 -23.77 19.70
N SER B 21 17.24 -24.68 19.40
CA SER B 21 16.73 -24.84 18.05
C SER B 21 15.21 -24.87 18.09
N CYS B 22 14.58 -24.43 17.01
CA CYS B 22 13.13 -24.42 16.89
C CYS B 22 12.73 -25.05 15.56
N ALA B 23 12.39 -26.35 15.60
CA ALA B 23 11.97 -27.07 14.42
C ALA B 23 10.47 -26.92 14.22
N ALA B 24 10.07 -26.60 12.99
CA ALA B 24 8.67 -26.52 12.63
C ALA B 24 8.24 -27.78 11.90
N SER B 25 6.96 -28.11 12.03
CA SER B 25 6.37 -29.27 11.37
C SER B 25 4.91 -28.98 11.09
N GLY B 26 4.39 -29.62 10.05
CA GLY B 26 3.04 -29.37 9.60
C GLY B 26 2.85 -28.09 8.83
N PHE B 27 3.93 -27.32 8.60
CA PHE B 27 3.89 -26.09 7.81
C PHE B 27 5.31 -25.59 7.55
N ARG B 28 5.52 -24.89 6.44
CA ARG B 28 6.81 -24.27 6.15
C ARG B 28 6.85 -22.89 6.77
N LEU B 29 7.92 -22.59 7.52
CA LEU B 29 8.11 -21.26 8.09
C LEU B 29 8.90 -20.35 7.17
N ASP B 30 8.93 -20.66 5.90
CA ASP B 30 9.73 -19.89 4.93
C ASP B 30 9.20 -18.45 4.85
N TYR B 31 7.92 -18.23 5.06
CA TYR B 31 7.33 -16.88 4.85
C TYR B 31 6.77 -16.36 6.18
N TYR B 32 7.28 -16.89 7.28
CA TYR B 32 6.90 -16.41 8.60
C TYR B 32 8.07 -15.68 9.26
N ALA B 33 7.75 -14.73 10.13
CA ALA B 33 8.74 -14.10 11.00
C ALA B 33 8.76 -14.84 12.33
N ILE B 34 9.94 -15.28 12.75
CA ILE B 34 10.12 -16.15 13.91
C ILE B 34 10.71 -15.33 15.06
N GLY B 35 10.21 -15.56 16.27
CA GLY B 35 10.69 -14.87 17.43
C GLY B 35 10.92 -15.81 18.59
N TRP B 36 11.95 -15.50 19.37
CA TRP B 36 12.26 -16.22 20.61
C TRP B 36 11.80 -15.38 21.80
N PHE B 37 11.11 -16.03 22.73
CA PHE B 37 10.63 -15.38 23.95
C PHE B 37 11.10 -16.19 25.16
N ARG B 38 10.96 -15.60 26.34
CA ARG B 38 11.33 -16.31 27.56
C ARG B 38 10.45 -15.82 28.71
N GLN B 39 10.34 -16.68 29.73
CA GLN B 39 9.48 -16.43 30.87
C GLN B 39 10.18 -16.97 32.11
N ALA B 40 10.68 -16.07 32.94
CA ALA B 40 11.28 -16.52 34.19
C ALA B 40 10.19 -16.70 35.24
N PRO B 41 10.41 -17.57 36.24
CA PRO B 41 9.37 -17.82 37.24
C PRO B 41 8.91 -16.54 37.92
N GLY B 42 7.59 -16.34 37.92
CA GLY B 42 6.95 -15.19 38.53
C GLY B 42 6.74 -14.00 37.61
N LYS B 43 7.61 -13.83 36.61
CA LYS B 43 7.61 -12.64 35.78
C LYS B 43 6.85 -12.89 34.48
N GLU B 44 6.67 -11.80 33.72
CA GLU B 44 5.92 -11.83 32.47
C GLU B 44 6.81 -12.24 31.31
N ARG B 45 6.20 -12.89 30.33
CA ARG B 45 6.93 -13.42 29.18
C ARG B 45 7.43 -12.28 28.30
N GLU B 46 8.74 -12.03 28.32
CA GLU B 46 9.33 -11.04 27.45
C GLU B 46 9.87 -11.70 26.18
N GLY B 47 10.15 -10.87 25.17
CA GLY B 47 10.75 -11.32 23.94
C GLY B 47 12.25 -11.10 23.95
N VAL B 48 12.98 -11.99 23.29
CA VAL B 48 14.44 -11.99 23.30
C VAL B 48 14.99 -11.58 21.94
N LEU B 49 14.66 -12.31 20.89
CA LEU B 49 15.13 -12.00 19.55
C LEU B 49 14.04 -12.32 18.53
N CYS B 50 14.03 -11.57 17.44
CA CYS B 50 13.07 -11.73 16.36
C CYS B 50 13.78 -11.63 15.02
N ILE B 51 13.22 -12.27 13.99
CA ILE B 51 13.82 -12.30 12.67
C ILE B 51 12.71 -12.30 11.63
N SER B 52 12.98 -11.63 10.50
CA SER B 52 12.03 -11.54 9.41
C SER B 52 12.04 -12.85 8.61
N SER B 53 11.19 -12.89 7.60
CA SER B 53 11.04 -14.09 6.75
C SER B 53 12.27 -14.26 5.85
N SER B 54 12.91 -13.16 5.55
CA SER B 54 14.09 -13.16 4.71
C SER B 54 15.39 -13.26 5.49
N GLY B 55 15.34 -13.14 6.82
CA GLY B 55 16.54 -13.04 7.61
C GLY B 55 17.25 -11.71 7.55
N GLY B 56 16.75 -10.78 6.73
CA GLY B 56 17.42 -9.50 6.55
C GLY B 56 17.22 -8.50 7.68
N SER B 57 16.27 -8.75 8.58
CA SER B 57 16.01 -7.86 9.70
C SER B 57 15.96 -8.68 10.98
N ILE B 58 16.78 -8.29 11.96
CA ILE B 58 16.81 -8.93 13.28
C ILE B 58 16.69 -7.83 14.32
N ASN B 59 15.87 -8.07 15.35
CA ASN B 59 15.73 -7.12 16.44
C ASN B 59 15.92 -7.82 17.78
N TYR B 60 16.58 -7.13 18.70
CA TYR B 60 17.02 -7.71 19.97
C TYR B 60 16.24 -7.10 21.12
N ALA B 61 16.39 -7.74 22.28
CA ALA B 61 16.00 -7.15 23.56
C ALA B 61 17.27 -6.64 24.25
N ASP B 62 17.16 -5.46 24.86
CA ASP B 62 18.35 -4.74 25.33
C ASP B 62 19.26 -5.58 26.20
N SER B 63 18.69 -6.51 26.99
CA SER B 63 19.48 -7.26 27.95
C SER B 63 20.40 -8.30 27.33
N VAL B 64 20.29 -8.57 26.02
CA VAL B 64 21.02 -9.66 25.40
C VAL B 64 21.83 -9.17 24.20
N LYS B 65 22.06 -7.87 24.11
CA LYS B 65 22.80 -7.31 22.99
C LYS B 65 24.22 -7.87 22.93
N GLY B 66 24.59 -8.42 21.78
CA GLY B 66 25.92 -8.98 21.59
C GLY B 66 26.19 -10.26 22.33
N ARG B 67 25.18 -10.86 22.96
CA ARG B 67 25.33 -12.14 23.65
C ARG B 67 24.54 -13.25 22.98
N PHE B 68 23.30 -12.98 22.59
CA PHE B 68 22.45 -13.96 21.95
C PHE B 68 22.40 -13.69 20.45
N THR B 69 22.19 -14.77 19.68
CA THR B 69 22.25 -14.70 18.22
C THR B 69 21.15 -15.56 17.63
N ILE B 70 20.34 -14.98 16.75
CA ILE B 70 19.29 -15.71 16.05
C ILE B 70 19.76 -15.98 14.63
N SER B 71 19.26 -17.07 14.06
CA SER B 71 19.58 -17.47 12.70
C SER B 71 18.50 -18.45 12.24
N ARG B 72 18.22 -18.43 10.95
CA ARG B 72 17.13 -19.23 10.39
C ARG B 72 17.63 -20.04 9.20
N ASP B 73 17.04 -21.22 9.04
CA ASP B 73 17.30 -22.09 7.89
C ASP B 73 15.94 -22.52 7.35
N ASN B 74 15.49 -21.85 6.29
CA ASN B 74 14.13 -22.10 5.75
C ASN B 74 14.03 -23.52 5.22
N ALA B 75 15.05 -24.04 4.54
CA ALA B 75 14.98 -25.39 3.99
C ALA B 75 14.90 -26.44 5.09
N LYS B 76 15.59 -26.21 6.20
CA LYS B 76 15.54 -27.12 7.34
C LYS B 76 14.31 -26.92 8.21
N ASN B 77 13.53 -25.85 7.98
CA ASN B 77 12.35 -25.52 8.77
C ASN B 77 12.70 -25.36 10.24
N THR B 78 13.94 -24.95 10.53
CA THR B 78 14.41 -24.76 11.90
C THR B 78 14.99 -23.37 12.08
N VAL B 79 14.97 -22.90 13.31
CA VAL B 79 15.54 -21.61 13.69
C VAL B 79 16.35 -21.82 14.97
N TYR B 80 17.49 -21.14 15.03
CA TYR B 80 18.44 -21.36 16.14
C TYR B 80 18.73 -20.11 16.94
N LEU B 81 18.81 -20.24 18.25
CA LEU B 81 19.15 -19.15 19.16
C LEU B 81 20.50 -19.48 19.81
N GLN B 82 21.56 -18.85 19.31
CA GLN B 82 22.89 -19.04 19.88
C GLN B 82 23.04 -18.12 21.08
N MET B 83 23.03 -18.71 22.28
CA MET B 83 23.18 -17.96 23.52
C MET B 83 24.59 -18.15 24.06
N ASN B 84 25.36 -17.07 24.06
CA ASN B 84 26.74 -17.13 24.56
C ASN B 84 26.78 -16.23 25.79
N SER B 85 27.95 -15.96 26.33
CA SER B 85 28.02 -15.25 27.62
C SER B 85 27.22 -16.12 28.56
N LEU B 86 26.13 -15.61 29.12
CA LEU B 86 25.19 -16.42 29.96
C LEU B 86 25.22 -15.92 31.39
N LYS B 87 24.03 -15.77 31.93
CA LYS B 87 23.82 -15.10 33.20
C LYS B 87 22.84 -15.89 34.06
N PRO B 88 22.98 -15.82 35.39
CA PRO B 88 21.94 -16.36 36.26
C PRO B 88 20.57 -15.73 36.05
N GLU B 89 20.53 -14.47 35.60
CA GLU B 89 19.27 -13.82 35.27
C GLU B 89 18.75 -14.22 33.89
N ASP B 90 19.53 -15.00 33.13
CA ASP B 90 19.08 -15.55 31.85
C ASP B 90 18.23 -16.81 32.02
N THR B 91 18.00 -17.24 33.27
CA THR B 91 17.34 -18.52 33.52
C THR B 91 15.83 -18.36 33.36
N ALA B 92 15.26 -19.07 32.40
CA ALA B 92 13.84 -19.01 32.12
C ALA B 92 13.49 -20.17 31.19
N VAL B 93 12.20 -20.33 30.94
CA VAL B 93 11.72 -21.21 29.86
C VAL B 93 11.68 -20.38 28.59
N TYR B 94 12.44 -20.81 27.58
CA TYR B 94 12.55 -20.08 26.32
C TYR B 94 11.56 -20.67 25.32
N TYR B 95 10.60 -19.85 24.90
CA TYR B 95 9.59 -20.26 23.92
C TYR B 95 9.98 -19.74 22.54
N CYS B 96 9.46 -20.41 21.52
CA CYS B 96 9.67 -20.02 20.14
C CYS B 96 8.33 -19.94 19.43
N GLY B 97 8.11 -18.84 18.71
CA GLY B 97 6.84 -18.59 18.06
C GLY B 97 7.04 -18.01 16.68
N ALA B 98 5.99 -18.19 15.86
CA ALA B 98 5.99 -17.70 14.49
C ALA B 98 4.77 -16.82 14.26
N SER B 99 4.95 -15.74 13.50
CA SER B 99 3.89 -14.82 13.17
C SER B 99 3.77 -14.64 11.66
N SER B 100 2.54 -14.52 11.19
CA SER B 100 2.25 -14.18 9.80
C SER B 100 1.92 -12.70 9.65
N TYR B 101 2.50 -11.85 10.50
CA TYR B 101 2.12 -10.45 10.61
C TYR B 101 3.34 -9.59 10.31
N ASN B 102 3.29 -8.85 9.21
CA ASN B 102 4.39 -7.99 8.77
C ASN B 102 5.70 -8.76 8.70
N THR B 103 5.68 -9.88 7.97
CA THR B 103 6.78 -10.83 8.02
C THR B 103 8.06 -10.31 7.38
N GLN B 104 7.98 -9.28 6.54
CA GLN B 104 9.18 -8.63 6.02
C GLN B 104 9.83 -7.72 7.05
N ARG B 105 9.35 -7.76 8.30
CA ARG B 105 9.87 -6.96 9.39
C ARG B 105 10.19 -7.87 10.57
N ALA B 106 10.91 -7.33 11.55
CA ALA B 106 11.30 -8.12 12.71
C ALA B 106 10.66 -7.59 13.98
N GLU B 107 9.32 -7.50 13.98
CA GLU B 107 8.58 -6.93 15.09
C GLU B 107 8.24 -7.98 16.15
N CYS B 108 7.42 -8.96 15.79
CA CYS B 108 7.11 -10.11 16.69
C CYS B 108 6.21 -9.72 17.86
N TYR B 109 5.34 -8.72 17.67
CA TYR B 109 4.35 -8.38 18.72
C TYR B 109 3.43 -9.56 18.90
N GLY B 110 2.58 -9.81 17.90
CA GLY B 110 1.64 -10.92 17.98
C GLY B 110 2.19 -12.18 17.36
N MET B 111 1.64 -13.32 17.75
CA MET B 111 2.12 -14.60 17.24
C MET B 111 0.96 -15.46 16.75
N ASP B 112 1.25 -16.25 15.72
CA ASP B 112 0.32 -17.25 15.19
C ASP B 112 0.42 -18.56 15.97
N TYR B 113 1.64 -19.08 16.12
CA TYR B 113 1.87 -20.38 16.72
C TYR B 113 2.97 -20.27 17.77
N TRP B 114 2.93 -21.16 18.76
CA TRP B 114 3.90 -21.16 19.85
C TRP B 114 4.46 -22.55 20.07
N GLY B 115 5.67 -22.61 20.63
CA GLY B 115 6.26 -23.85 21.06
C GLY B 115 6.01 -24.09 22.55
N LYS B 116 6.20 -25.33 22.98
CA LYS B 116 5.93 -25.68 24.37
C LYS B 116 7.02 -25.20 25.32
N GLY B 117 8.19 -24.87 24.81
CA GLY B 117 9.22 -24.25 25.62
C GLY B 117 10.24 -25.24 26.15
N THR B 118 11.47 -24.76 26.34
CA THR B 118 12.53 -25.55 26.93
C THR B 118 13.23 -24.70 28.00
N GLN B 119 13.41 -25.27 29.18
CA GLN B 119 14.00 -24.53 30.28
C GLN B 119 15.51 -24.46 30.15
N VAL B 120 16.05 -23.26 30.32
CA VAL B 120 17.50 -23.05 30.43
C VAL B 120 17.77 -22.51 31.83
N THR B 121 18.57 -23.24 32.60
CA THR B 121 18.88 -22.87 33.97
C THR B 121 20.37 -22.60 34.10
N VAL B 122 20.71 -21.52 34.79
CA VAL B 122 22.10 -21.10 34.98
C VAL B 122 22.36 -21.09 36.49
N SER B 123 23.39 -21.82 36.91
CA SER B 123 23.70 -21.93 38.33
C SER B 123 24.00 -20.55 38.91
N ALA B 124 23.38 -20.25 40.04
CA ALA B 124 23.35 -18.90 40.62
C ALA B 124 24.72 -18.31 40.92
N PRO C 6 6.39 3.81 13.41
CA PRO C 6 7.84 3.93 13.41
C PRO C 6 8.30 3.07 12.24
N ALA C 7 7.39 2.70 11.37
CA ALA C 7 7.80 2.01 10.14
C ALA C 7 7.77 3.11 9.08
N ALA C 8 8.85 3.32 8.36
CA ALA C 8 8.87 4.45 7.43
C ALA C 8 7.96 4.17 6.23
N PHE C 9 7.38 5.22 5.66
CA PHE C 9 6.55 5.05 4.44
C PHE C 9 7.46 5.08 3.22
N THR C 10 7.29 4.10 2.37
CA THR C 10 8.11 3.95 1.16
C THR C 10 7.16 3.53 0.04
N ALA C 11 7.25 4.18 -1.10
CA ALA C 11 6.43 3.85 -2.27
C ALA C 11 7.28 3.33 -3.42
N ASN C 12 7.97 2.22 -3.19
CA ASN C 12 8.75 1.51 -4.25
C ASN C 12 9.61 2.47 -5.07
N GLY C 13 10.21 3.46 -4.43
CA GLY C 13 11.10 4.39 -5.09
C GLY C 13 10.44 5.64 -5.63
N THR C 14 9.11 5.73 -5.56
CA THR C 14 8.40 6.90 -6.06
C THR C 14 8.84 8.15 -5.30
N HIS C 15 9.09 9.23 -6.04
CA HIS C 15 9.53 10.47 -5.42
C HIS C 15 8.38 11.14 -4.67
N LEU C 16 8.62 11.44 -3.40
CA LEU C 16 7.67 12.15 -2.57
C LEU C 16 7.90 13.64 -2.72
N GLN C 17 6.81 14.41 -2.85
CA GLN C 17 6.94 15.82 -3.16
C GLN C 17 6.35 16.76 -2.13
N HIS C 18 5.28 16.38 -1.43
CA HIS C 18 4.65 17.29 -0.47
C HIS C 18 3.97 16.50 0.63
N LEU C 19 3.91 17.11 1.81
CA LEU C 19 3.30 16.50 2.99
C LEU C 19 2.40 17.52 3.68
N ALA C 20 1.15 17.13 3.94
CA ALA C 20 0.18 17.99 4.61
C ALA C 20 -0.46 17.25 5.75
N ARG C 21 -0.85 17.98 6.80
CA ARG C 21 -1.44 17.40 7.99
C ARG C 21 -2.71 18.14 8.35
N ASP C 22 -3.79 17.39 8.55
CA ASP C 22 -5.05 17.95 9.05
C ASP C 22 -4.91 18.12 10.56
N PRO C 23 -4.86 19.37 11.06
CA PRO C 23 -4.63 19.57 12.50
C PRO C 23 -5.79 19.13 13.37
N THR C 24 -6.98 18.95 12.79
CA THR C 24 -8.10 18.39 13.55
C THR C 24 -7.85 16.93 13.89
N THR C 25 -7.61 16.11 12.87
CA THR C 25 -7.50 14.66 13.03
C THR C 25 -6.08 14.18 13.23
N GLY C 26 -5.09 14.86 12.65
CA GLY C 26 -3.75 14.36 12.55
C GLY C 26 -3.48 13.52 11.33
N THR C 27 -4.46 13.40 10.44
CA THR C 27 -4.31 12.56 9.25
C THR C 27 -3.34 13.20 8.28
N LEU C 28 -2.35 12.43 7.85
CA LEU C 28 -1.33 12.91 6.92
C LEU C 28 -1.75 12.67 5.47
N TYR C 29 -1.32 13.57 4.60
CA TYR C 29 -1.51 13.44 3.17
C TYR C 29 -0.16 13.66 2.49
N VAL C 30 0.24 12.73 1.64
CA VAL C 30 1.51 12.79 0.93
C VAL C 30 1.22 12.79 -0.57
N GLY C 31 1.67 13.84 -1.25
CA GLY C 31 1.58 13.92 -2.68
C GLY C 31 2.88 13.46 -3.32
N ALA C 32 2.78 12.44 -4.17
CA ALA C 32 3.94 11.87 -4.84
C ALA C 32 3.64 11.73 -6.33
N THR C 33 4.60 11.20 -7.07
CA THR C 33 4.44 11.06 -8.52
C THR C 33 3.38 9.99 -8.81
N ASN C 34 2.31 10.41 -9.48
CA ASN C 34 1.18 9.55 -9.82
C ASN C 34 0.48 8.99 -8.60
N PHE C 35 0.70 9.58 -7.42
CA PHE C 35 0.14 9.06 -6.19
C PHE C 35 -0.35 10.19 -5.29
N LEU C 36 -1.35 9.85 -4.47
CA LEU C 36 -1.82 10.65 -3.36
C LEU C 36 -2.13 9.69 -2.22
N PHE C 37 -1.49 9.89 -1.07
CA PHE C 37 -1.56 8.94 0.03
C PHE C 37 -2.26 9.56 1.23
N GLN C 38 -3.07 8.74 1.91
CA GLN C 38 -3.69 9.11 3.18
C GLN C 38 -3.12 8.21 4.26
N LEU C 39 -2.39 8.81 5.20
CA LEU C 39 -1.68 8.02 6.22
C LEU C 39 -2.07 8.42 7.64
N SER C 40 -2.13 7.45 8.53
CA SER C 40 -2.43 7.67 9.95
C SER C 40 -1.24 8.33 10.60
N PRO C 41 -1.42 9.05 11.70
CA PRO C 41 -0.27 9.61 12.42
C PRO C 41 0.84 8.60 12.64
N GLY C 42 0.51 7.30 12.61
CA GLY C 42 1.47 6.22 12.62
C GLY C 42 1.96 5.80 11.26
N LEU C 43 1.67 6.59 10.23
CA LEU C 43 2.17 6.35 8.86
C LEU C 43 1.60 5.03 8.32
N GLN C 44 0.33 4.79 8.57
CA GLN C 44 -0.35 3.60 8.07
C GLN C 44 -1.26 4.05 6.94
N LEU C 45 -1.09 3.45 5.77
CA LEU C 45 -1.88 3.82 4.60
C LEU C 45 -3.35 3.56 4.85
N GLU C 46 -4.18 4.60 4.73
CA GLU C 46 -5.62 4.50 4.91
C GLU C 46 -6.40 4.50 3.60
N ALA C 47 -5.88 5.17 2.57
CA ALA C 47 -6.48 5.19 1.25
C ALA C 47 -5.43 5.65 0.25
N VAL C 48 -5.67 5.35 -1.02
CA VAL C 48 -4.74 5.69 -2.09
C VAL C 48 -5.51 6.25 -3.28
N VAL C 49 -5.00 7.34 -3.85
CA VAL C 49 -5.49 7.90 -5.10
C VAL C 49 -4.34 7.87 -6.09
N SER C 50 -4.62 7.50 -7.33
CA SER C 50 -3.64 7.55 -8.40
C SER C 50 -3.93 8.79 -9.24
N THR C 51 -3.14 9.85 -9.01
CA THR C 51 -3.08 10.92 -9.99
C THR C 51 -2.54 10.41 -11.31
N GLY C 52 -1.83 9.27 -11.28
CA GLY C 52 -1.57 8.44 -12.43
C GLY C 52 -0.71 9.07 -13.51
N PRO C 53 -0.15 8.23 -14.37
CA PRO C 53 0.38 8.75 -15.63
C PRO C 53 -0.76 9.14 -16.54
N VAL C 54 -0.67 10.33 -17.11
CA VAL C 54 -1.70 10.82 -18.02
C VAL C 54 -1.05 11.15 -19.36
N ASN C 55 -1.83 11.00 -20.42
CA ASN C 55 -1.34 11.19 -21.79
C ASN C 55 -1.48 12.67 -22.13
N ASP C 56 -0.41 13.42 -21.86
CA ASP C 56 -0.45 14.88 -21.91
C ASP C 56 0.83 15.38 -22.55
N SER C 57 0.81 16.65 -22.95
CA SER C 57 1.99 17.35 -23.42
C SER C 57 2.00 18.72 -22.78
N ARG C 58 3.15 19.15 -22.26
CA ARG C 58 3.25 20.48 -21.67
C ARG C 58 2.89 21.57 -22.67
N ASP C 59 2.88 21.25 -23.97
CA ASP C 59 2.34 22.17 -24.97
C ASP C 59 0.82 22.20 -24.90
N CYS C 60 0.18 21.04 -25.01
CA CYS C 60 -1.26 20.96 -25.25
C CYS C 60 -2.04 21.52 -24.06
N LEU C 61 -3.35 21.69 -24.28
CA LEU C 61 -4.25 22.29 -23.31
C LEU C 61 -5.30 21.27 -22.87
N PRO C 62 -5.80 21.39 -21.64
CA PRO C 62 -6.84 20.48 -21.15
C PRO C 62 -8.22 21.01 -21.47
N PRO C 63 -9.20 20.13 -21.79
CA PRO C 63 -9.05 18.67 -21.95
C PRO C 63 -8.26 18.29 -23.19
N VAL C 64 -7.62 17.12 -23.17
CA VAL C 64 -6.71 16.69 -24.23
C VAL C 64 -7.40 15.66 -25.09
N ILE C 65 -7.50 15.94 -26.39
CA ILE C 65 -8.16 15.06 -27.35
C ILE C 65 -7.11 14.61 -28.37
N PRO C 66 -7.01 13.31 -28.67
CA PRO C 66 -5.96 12.84 -29.60
C PRO C 66 -5.95 13.55 -30.94
N ASP C 67 -7.12 13.90 -31.49
CA ASP C 67 -7.16 14.62 -32.76
C ASP C 67 -6.29 15.87 -32.72
N GLU C 68 -6.44 16.67 -31.67
CA GLU C 68 -5.77 17.96 -31.57
C GLU C 68 -4.36 17.85 -30.99
N CYS C 69 -4.12 16.90 -30.09
CA CYS C 69 -2.83 16.74 -29.44
C CYS C 69 -2.15 15.46 -29.94
N PRO C 70 -1.33 15.53 -30.99
CA PRO C 70 -0.60 14.35 -31.45
C PRO C 70 0.72 14.17 -30.72
N GLN C 71 1.19 15.26 -30.11
CA GLN C 71 2.48 15.34 -29.45
C GLN C 71 2.48 14.70 -28.07
N ALA C 72 1.31 14.30 -27.56
CA ALA C 72 1.23 13.82 -26.19
C ALA C 72 1.88 12.45 -26.04
N GLN C 73 2.39 12.20 -24.84
CA GLN C 73 2.97 10.92 -24.45
C GLN C 73 2.56 10.67 -23.01
N PRO C 74 2.57 9.39 -22.58
CA PRO C 74 2.28 9.09 -21.17
C PRO C 74 3.18 9.88 -20.22
N THR C 75 2.58 10.76 -19.42
CA THR C 75 3.30 11.76 -18.66
C THR C 75 3.05 11.55 -17.17
N ASN C 76 4.12 11.62 -16.38
CA ASN C 76 4.03 11.44 -14.93
C ASN C 76 3.49 12.70 -14.26
N ASN C 77 2.86 12.51 -13.10
CA ASN C 77 2.19 13.59 -12.37
C ASN C 77 2.78 13.75 -10.96
N PRO C 78 3.95 14.35 -10.85
CA PRO C 78 4.42 14.76 -9.51
C PRO C 78 3.48 15.79 -8.92
N ASN C 79 3.18 15.72 -7.64
CA ASN C 79 2.30 16.73 -6.98
C ASN C 79 2.97 18.10 -7.00
N GLN C 80 2.17 19.15 -7.08
CA GLN C 80 2.73 20.52 -7.03
C GLN C 80 2.15 21.22 -5.80
N LEU C 81 0.89 20.97 -5.46
CA LEU C 81 0.34 21.64 -4.30
C LEU C 81 -0.56 20.70 -3.53
N LEU C 82 -0.39 20.69 -2.20
CA LEU C 82 -1.20 19.89 -1.28
C LEU C 82 -1.50 20.74 -0.08
N LEU C 83 -2.77 21.13 0.09
CA LEU C 83 -3.14 22.12 1.11
C LEU C 83 -4.44 21.70 1.79
N VAL C 84 -4.51 21.97 3.09
CA VAL C 84 -5.68 21.63 3.89
C VAL C 84 -6.47 22.92 4.14
N SER C 85 -7.64 23.00 3.54
CA SER C 85 -8.71 23.91 3.93
C SER C 85 -9.52 23.27 5.04
N PRO C 86 -10.28 24.06 5.82
CA PRO C 86 -11.10 23.45 6.88
C PRO C 86 -12.18 22.52 6.37
N GLU C 87 -12.50 22.55 5.07
CA GLU C 87 -13.59 21.75 4.54
C GLU C 87 -13.18 20.81 3.41
N ALA C 88 -11.92 20.76 3.02
CA ALA C 88 -11.50 19.89 1.93
C ALA C 88 -9.98 19.91 1.81
N LEU C 89 -9.48 19.05 0.92
CA LEU C 89 -8.07 18.97 0.57
C LEU C 89 -7.86 19.55 -0.82
N VAL C 90 -6.95 20.51 -0.94
CA VAL C 90 -6.60 21.10 -2.22
C VAL C 90 -5.46 20.29 -2.83
N VAL C 91 -5.65 19.84 -4.07
CA VAL C 91 -4.66 19.02 -4.77
C VAL C 91 -4.51 19.56 -6.18
N CYS C 92 -3.31 20.05 -6.49
CA CYS C 92 -2.96 20.49 -7.84
C CYS C 92 -1.72 19.73 -8.28
N GLY C 93 -1.78 19.15 -9.48
CA GLY C 93 -0.69 18.34 -9.97
C GLY C 93 0.22 19.10 -10.94
N SER C 94 1.15 18.35 -11.53
CA SER C 94 2.01 18.93 -12.55
C SER C 94 1.38 18.85 -13.94
N VAL C 95 0.59 17.82 -14.20
CA VAL C 95 0.08 17.60 -15.56
C VAL C 95 -1.15 18.46 -15.79
N HIS C 96 -1.69 18.37 -17.01
CA HIS C 96 -2.90 19.08 -17.42
C HIS C 96 -2.82 20.56 -17.04
N GLN C 97 -1.63 21.15 -17.22
CA GLN C 97 -1.41 22.58 -17.07
C GLN C 97 -1.75 23.07 -15.66
N GLY C 98 -1.34 22.30 -14.66
CA GLY C 98 -1.41 22.74 -13.28
C GLY C 98 -2.81 22.94 -12.74
N ILE C 99 -3.79 22.16 -13.19
CA ILE C 99 -5.14 22.30 -12.67
C ILE C 99 -5.23 21.69 -11.27
N CYS C 100 -6.26 22.09 -10.54
CA CYS C 100 -6.48 21.65 -9.18
C CYS C 100 -7.78 20.85 -9.08
N GLU C 101 -8.03 20.34 -7.88
CA GLU C 101 -9.27 19.67 -7.54
C GLU C 101 -9.41 19.65 -6.03
N LEU C 102 -10.64 19.46 -5.56
CA LEU C 102 -10.89 19.41 -4.11
C LEU C 102 -11.31 17.98 -3.76
N ARG C 103 -10.75 17.43 -2.70
CA ARG C 103 -11.01 16.06 -2.27
C ARG C 103 -11.33 16.05 -0.79
N SER C 104 -12.01 14.99 -0.37
CA SER C 104 -12.50 14.90 1.00
C SER C 104 -11.37 14.57 1.97
N LEU C 105 -11.32 15.31 3.07
CA LEU C 105 -10.46 14.96 4.19
C LEU C 105 -11.05 13.76 4.90
N GLY C 106 -10.30 12.66 4.95
CA GLY C 106 -10.79 11.41 5.50
C GLY C 106 -11.30 10.42 4.47
N GLN C 107 -11.40 10.85 3.21
CA GLN C 107 -11.77 9.98 2.11
C GLN C 107 -11.21 10.55 0.82
N ILE C 108 -9.88 10.62 0.72
CA ILE C 108 -9.22 11.29 -0.40
C ILE C 108 -9.67 10.76 -1.76
N ARG C 109 -10.29 9.59 -1.79
CA ARG C 109 -10.82 9.04 -3.03
C ARG C 109 -12.15 9.67 -3.44
N GLN C 110 -12.75 10.48 -2.59
CA GLN C 110 -14.02 11.14 -2.89
C GLN C 110 -13.74 12.51 -3.50
N LEU C 111 -13.89 12.60 -4.83
CA LEU C 111 -13.63 13.86 -5.52
C LEU C 111 -14.77 14.84 -5.26
N LEU C 112 -14.44 16.02 -4.73
CA LEU C 112 -15.48 17.01 -4.34
C LEU C 112 -15.64 18.09 -5.43
N LEU C 113 -14.57 18.47 -6.12
CA LEU C 113 -14.65 19.56 -7.11
C LEU C 113 -13.55 19.45 -8.16
N ARG C 114 -13.92 19.24 -9.42
CA ARG C 114 -12.94 19.23 -10.54
C ARG C 114 -13.62 19.88 -11.73
N PRO C 115 -13.60 21.21 -11.87
CA PRO C 115 -14.15 21.88 -13.06
C PRO C 115 -13.89 21.13 -14.35
N GLU C 116 -14.96 20.86 -15.10
CA GLU C 116 -14.86 19.93 -16.23
C GLU C 116 -14.16 20.56 -17.42
N ARG C 117 -14.54 21.80 -17.77
CA ARG C 117 -13.92 22.53 -18.87
C ARG C 117 -13.11 23.68 -18.29
N PRO C 118 -11.86 23.46 -17.91
CA PRO C 118 -11.09 24.50 -17.21
C PRO C 118 -10.48 25.50 -18.17
N GLY C 119 -10.66 26.79 -17.87
CA GLY C 119 -10.04 27.83 -18.66
C GLY C 119 -8.69 28.26 -18.11
N ASP C 120 -7.97 29.04 -18.93
CA ASP C 120 -6.63 29.47 -18.53
C ASP C 120 -6.64 30.41 -17.32
N THR C 121 -7.81 30.80 -16.84
CA THR C 121 -7.94 31.44 -15.53
C THR C 121 -7.89 30.43 -14.39
N GLN C 122 -7.84 29.14 -14.70
CA GLN C 122 -7.82 28.07 -13.70
C GLN C 122 -6.59 27.18 -13.84
N TYR C 123 -5.51 27.67 -14.46
CA TYR C 123 -4.26 26.94 -14.55
C TYR C 123 -3.41 27.39 -13.36
N VAL C 124 -3.41 26.61 -12.29
CA VAL C 124 -2.92 27.10 -11.01
C VAL C 124 -1.44 26.81 -10.82
N ALA C 125 -1.09 25.53 -10.70
CA ALA C 125 0.29 25.15 -10.42
C ALA C 125 1.14 25.20 -11.69
N ALA C 126 2.41 24.89 -11.55
CA ALA C 126 3.32 24.84 -12.68
C ALA C 126 3.22 23.48 -13.38
N ASN C 127 3.25 23.50 -14.70
CA ASN C 127 3.16 22.26 -15.46
C ASN C 127 4.47 21.49 -15.50
N ASP C 128 5.55 22.07 -14.98
CA ASP C 128 6.86 21.44 -14.93
C ASP C 128 7.21 21.07 -13.50
N PRO C 129 7.72 19.84 -13.27
CA PRO C 129 8.00 19.38 -11.92
C PRO C 129 9.29 19.92 -11.30
N ALA C 130 10.07 20.70 -12.03
CA ALA C 130 11.25 21.35 -11.48
C ALA C 130 10.95 22.75 -10.96
N VAL C 131 9.81 23.29 -11.36
CA VAL C 131 9.36 24.63 -10.90
C VAL C 131 8.54 24.39 -9.64
N SER C 132 8.54 25.34 -8.72
CA SER C 132 7.89 25.11 -7.42
C SER C 132 6.63 25.94 -7.26
N THR C 133 5.64 25.36 -6.61
CA THR C 133 4.39 26.05 -6.30
C THR C 133 4.21 26.05 -4.80
N VAL C 134 3.87 27.21 -4.24
CA VAL C 134 3.59 27.35 -2.82
C VAL C 134 2.18 27.88 -2.66
N GLY C 135 1.54 27.53 -1.55
CA GLY C 135 0.12 27.76 -1.39
C GLY C 135 -0.25 28.22 0.00
N LEU C 136 -1.45 28.79 0.09
CA LEU C 136 -1.95 29.43 1.30
C LEU C 136 -3.47 29.49 1.21
N VAL C 137 -4.15 29.12 2.28
CA VAL C 137 -5.61 29.08 2.31
C VAL C 137 -6.10 29.99 3.43
N ALA C 138 -6.83 31.04 3.05
CA ALA C 138 -7.31 32.04 4.02
C ALA C 138 -8.70 31.71 4.53
N GLU C 144 -15.31 33.47 3.40
CA GLU C 144 -15.09 32.89 2.09
C GLU C 144 -13.62 32.51 1.96
N PRO C 145 -13.36 31.25 1.59
CA PRO C 145 -11.99 30.75 1.59
C PRO C 145 -11.25 31.14 0.32
N LEU C 146 -9.99 31.53 0.49
CA LEU C 146 -9.19 32.06 -0.59
C LEU C 146 -7.91 31.25 -0.75
N LEU C 147 -7.42 31.15 -1.98
CA LEU C 147 -6.24 30.38 -2.32
C LEU C 147 -5.19 31.31 -2.92
N PHE C 148 -4.12 31.54 -2.18
CA PHE C 148 -2.99 32.33 -2.66
C PHE C 148 -1.89 31.40 -3.14
N VAL C 149 -1.44 31.60 -4.38
CA VAL C 149 -0.57 30.65 -5.07
C VAL C 149 0.66 31.39 -5.58
N GLY C 150 1.85 30.94 -5.12
CA GLY C 150 3.10 31.41 -5.65
C GLY C 150 3.68 30.39 -6.61
N ARG C 151 3.94 30.82 -7.83
CA ARG C 151 4.27 29.90 -8.92
C ARG C 151 5.44 30.46 -9.72
N GLY C 152 6.47 29.65 -9.91
CA GLY C 152 7.61 30.06 -10.69
C GLY C 152 7.32 30.03 -12.19
N TYR C 153 8.30 30.43 -12.96
CA TYR C 153 8.14 30.55 -14.41
C TYR C 153 8.28 29.18 -15.06
N THR C 154 7.31 28.84 -15.92
CA THR C 154 7.43 27.66 -16.78
C THR C 154 6.74 27.98 -18.10
N SER C 155 7.53 28.32 -19.10
CA SER C 155 6.97 28.42 -20.44
C SER C 155 7.47 27.26 -21.28
N ARG C 156 7.45 26.07 -20.70
CA ARG C 156 7.57 24.85 -21.49
C ARG C 156 6.33 24.60 -22.34
N GLY C 157 5.28 25.40 -22.17
CA GLY C 157 4.07 25.23 -22.95
C GLY C 157 3.21 26.47 -22.92
N VAL C 158 2.26 26.50 -23.86
CA VAL C 158 1.40 27.66 -24.05
C VAL C 158 0.37 27.74 -22.93
N GLY C 159 0.27 28.91 -22.30
CA GLY C 159 -0.71 29.13 -21.25
C GLY C 159 -0.14 29.78 -20.01
N GLY C 161 1.30 33.39 -20.28
CA GLY C 161 1.99 33.70 -19.04
C GLY C 161 1.05 33.78 -17.86
N ILE C 162 1.39 33.09 -16.78
CA ILE C 162 0.56 33.00 -15.58
C ILE C 162 1.19 33.87 -14.51
N PRO C 163 0.38 34.70 -13.80
CA PRO C 163 0.91 35.63 -12.82
C PRO C 163 1.70 34.92 -11.72
N PRO C 164 2.82 35.49 -11.24
CA PRO C 164 3.56 34.87 -10.14
C PRO C 164 2.76 34.69 -8.84
N ILE C 165 2.37 35.78 -8.19
CA ILE C 165 1.49 35.70 -6.99
C ILE C 165 0.06 35.93 -7.46
N THR C 166 -0.89 35.15 -6.98
CA THR C 166 -2.25 35.18 -7.52
C THR C 166 -3.23 34.69 -6.45
N THR C 167 -4.38 35.37 -6.37
CA THR C 167 -5.45 34.97 -5.42
C THR C 167 -6.59 34.35 -6.21
N ARG C 168 -7.02 33.14 -5.84
CA ARG C 168 -8.05 32.39 -6.54
C ARG C 168 -9.13 31.99 -5.56
N ALA C 169 -10.29 31.62 -6.11
CA ALA C 169 -11.51 31.42 -5.33
C ALA C 169 -11.80 29.94 -5.17
N LEU C 170 -12.02 29.51 -3.92
CA LEU C 170 -12.29 28.13 -3.60
C LEU C 170 -13.79 27.83 -3.54
N ARG C 171 -14.57 28.74 -2.97
CA ARG C 171 -16.02 28.60 -2.99
C ARG C 171 -16.64 29.74 -3.79
N PRO C 172 -16.49 29.75 -5.11
CA PRO C 172 -17.14 30.78 -5.92
C PRO C 172 -18.62 30.48 -6.06
N PRO C 173 -19.44 31.46 -6.46
CA PRO C 173 -20.88 31.17 -6.60
C PRO C 173 -21.17 30.06 -7.60
N ASP C 174 -20.48 30.08 -8.74
CA ASP C 174 -20.55 28.98 -9.71
C ASP C 174 -19.44 28.00 -9.35
N PRO C 175 -19.77 26.80 -8.86
CA PRO C 175 -18.71 25.82 -8.53
C PRO C 175 -17.74 25.56 -9.67
N GLN C 176 -18.23 25.53 -10.91
CA GLN C 176 -17.41 25.24 -12.07
C GLN C 176 -16.36 26.32 -12.38
N ALA C 177 -16.31 27.39 -11.60
CA ALA C 177 -15.31 28.45 -11.75
C ALA C 177 -14.42 28.55 -10.52
N ALA C 178 -14.00 27.40 -10.00
CA ALA C 178 -13.13 27.35 -8.84
C ALA C 178 -11.67 27.46 -9.26
N PHE C 179 -10.82 27.82 -8.30
CA PHE C 179 -9.39 28.02 -8.52
C PHE C 179 -9.10 29.11 -9.54
N SER C 180 -10.10 29.95 -9.83
CA SER C 180 -9.98 30.98 -10.85
C SER C 180 -9.76 32.34 -10.20
N TYR C 181 -8.82 33.10 -10.76
CA TYR C 181 -8.56 34.44 -10.28
C TYR C 181 -9.24 35.47 -11.17
N GLU C 182 -9.55 36.60 -10.55
CA GLU C 182 -10.16 37.71 -11.30
C GLU C 182 -9.01 38.47 -11.95
N GLU C 183 -9.21 38.98 -13.18
CA GLU C 183 -8.12 39.65 -13.93
C GLU C 183 -7.37 40.65 -13.05
N THR C 184 -7.99 41.13 -11.98
CA THR C 184 -7.33 42.18 -11.17
C THR C 184 -6.59 41.58 -9.98
N ALA C 185 -6.91 40.36 -9.59
CA ALA C 185 -6.33 39.78 -8.36
C ALA C 185 -5.04 39.03 -8.67
N LYS C 186 -4.00 39.76 -9.04
CA LYS C 186 -2.74 39.14 -9.43
C LYS C 186 -1.63 40.18 -9.39
N LEU C 187 -0.39 39.68 -9.51
CA LEU C 187 0.79 40.54 -9.60
C LEU C 187 1.16 40.62 -11.07
N ALA C 188 0.77 41.74 -11.68
CA ALA C 188 1.08 41.95 -13.11
C ALA C 188 2.57 42.21 -13.24
N VAL C 189 3.26 41.24 -13.82
CA VAL C 189 4.73 41.35 -13.98
C VAL C 189 5.05 40.96 -15.40
N GLY C 190 5.93 41.73 -16.04
CA GLY C 190 6.41 41.36 -17.39
C GLY C 190 7.82 40.89 -17.26
N ARG C 191 8.29 40.07 -18.20
CA ARG C 191 9.71 39.60 -18.18
C ARG C 191 9.78 38.48 -17.14
N LEU C 192 8.69 37.76 -17.00
CA LEU C 192 8.63 36.62 -16.04
C LEU C 192 9.83 35.71 -16.25
N SER C 193 10.16 35.38 -17.48
CA SER C 193 11.33 34.55 -17.77
C SER C 193 12.61 35.14 -17.20
N GLU C 194 12.73 36.47 -17.24
CA GLU C 194 13.96 37.11 -16.80
C GLU C 194 13.98 37.32 -15.29
N TYR C 195 12.83 37.62 -14.69
CA TYR C 195 12.76 37.64 -13.24
C TYR C 195 12.89 36.23 -12.67
N SER C 196 12.38 35.24 -13.38
CA SER C 196 12.63 33.83 -13.09
C SER C 196 12.37 33.51 -11.62
N HIS C 197 11.12 33.75 -11.20
CA HIS C 197 10.74 33.55 -9.81
C HIS C 197 11.03 32.12 -9.36
N HIS C 198 11.32 31.96 -8.07
CA HIS C 198 11.61 30.67 -7.46
C HIS C 198 11.02 30.71 -6.07
N PHE C 199 9.81 30.20 -5.91
CA PHE C 199 9.09 30.36 -4.65
C PHE C 199 9.51 29.32 -3.62
N VAL C 200 9.66 29.77 -2.39
CA VAL C 200 10.16 28.95 -1.29
C VAL C 200 9.04 28.59 -0.32
N SER C 201 8.26 29.58 0.09
CA SER C 201 7.30 29.40 1.17
C SER C 201 6.30 30.54 1.16
N ALA C 202 5.12 30.28 1.73
CA ALA C 202 4.09 31.30 1.91
C ALA C 202 3.46 31.10 3.28
N PHE C 203 3.16 32.21 3.95
CA PHE C 203 2.58 32.15 5.27
C PHE C 203 1.72 33.39 5.50
N VAL C 204 0.71 33.23 6.34
CA VAL C 204 -0.22 34.30 6.68
C VAL C 204 0.17 34.90 8.02
N ARG C 205 0.11 36.21 8.14
CA ARG C 205 0.37 36.90 9.40
C ARG C 205 -0.45 38.18 9.45
N GLY C 206 -1.09 38.43 10.59
CA GLY C 206 -2.03 39.52 10.65
C GLY C 206 -3.13 39.33 9.62
N ALA C 207 -3.53 40.43 8.99
CA ALA C 207 -4.48 40.38 7.88
C ALA C 207 -3.78 40.46 6.53
N SER C 208 -2.59 39.88 6.41
CA SER C 208 -1.83 39.88 5.18
C SER C 208 -1.25 38.49 4.92
N ALA C 209 -0.91 38.24 3.67
CA ALA C 209 -0.29 36.99 3.23
C ALA C 209 1.10 37.28 2.74
N TYR C 210 2.08 36.51 3.22
CA TYR C 210 3.49 36.74 2.94
C TYR C 210 4.07 35.61 2.12
N PHE C 211 5.03 35.95 1.26
CA PHE C 211 5.65 34.99 0.36
C PHE C 211 7.17 35.10 0.43
N LEU C 212 7.85 33.96 0.38
CA LEU C 212 9.30 33.89 0.33
C LEU C 212 9.71 33.30 -1.01
N PHE C 213 10.66 33.93 -1.68
CA PHE C 213 11.03 33.50 -3.03
C PHE C 213 12.35 34.14 -3.43
N LEU C 214 12.92 33.61 -4.50
CA LEU C 214 14.08 34.19 -5.17
C LEU C 214 13.65 34.74 -6.53
N ARG C 215 14.25 35.86 -6.92
CA ARG C 215 14.05 36.40 -8.25
C ARG C 215 15.31 37.14 -8.65
N ARG C 216 15.36 37.54 -9.92
CA ARG C 216 16.47 38.33 -10.42
C ARG C 216 16.26 39.81 -10.11
N ASP C 217 17.33 40.48 -9.66
CA ASP C 217 17.35 41.93 -9.61
C ASP C 217 17.88 42.39 -10.97
N LEU C 218 16.97 42.74 -11.88
CA LEU C 218 17.36 43.07 -13.24
C LEU C 218 18.11 44.39 -13.33
N LYS C 219 17.96 45.25 -12.33
CA LYS C 219 18.63 46.55 -12.24
C LYS C 219 20.04 46.39 -11.64
N ALA C 220 20.45 45.17 -11.30
CA ALA C 220 21.66 44.89 -10.54
C ALA C 220 22.84 44.62 -11.47
N PRO C 221 24.08 44.55 -10.91
CA PRO C 221 25.25 44.22 -11.74
C PRO C 221 25.10 43.02 -12.66
N SER C 222 25.05 41.81 -12.11
CA SER C 222 25.02 40.60 -12.92
C SER C 222 23.60 40.10 -13.21
N ARG C 223 22.59 40.96 -13.09
CA ARG C 223 21.18 40.55 -13.07
C ARG C 223 21.01 39.30 -12.20
N ALA C 224 21.56 39.39 -11.00
CA ALA C 224 21.74 38.21 -10.15
C ALA C 224 20.48 37.93 -9.33
N PHE C 225 20.39 36.69 -8.87
CA PHE C 225 19.28 36.27 -8.02
C PHE C 225 19.44 36.83 -6.61
N ARG C 226 18.32 37.22 -6.01
CA ARG C 226 18.29 37.74 -4.65
C ARG C 226 17.05 37.20 -3.95
N ALA C 227 17.06 37.25 -2.63
CA ALA C 227 15.98 36.72 -1.82
C ALA C 227 15.04 37.85 -1.40
N TYR C 228 13.73 37.62 -1.59
CA TYR C 228 12.73 38.63 -1.30
C TYR C 228 11.60 38.03 -0.47
N VAL C 229 10.98 38.89 0.34
CA VAL C 229 9.75 38.56 1.06
C VAL C 229 8.68 39.54 0.61
N SER C 230 7.50 39.01 0.27
CA SER C 230 6.41 39.79 -0.28
C SER C 230 5.27 39.87 0.74
N ARG C 231 4.54 40.98 0.72
CA ARG C 231 3.38 41.15 1.58
C ARG C 231 2.24 41.78 0.78
N VAL C 232 1.06 41.17 0.88
CA VAL C 232 -0.15 41.69 0.25
C VAL C 232 -1.29 41.60 1.27
N CYS C 233 -2.16 42.61 1.26
CA CYS C 233 -3.34 42.57 2.11
C CYS C 233 -4.19 41.35 1.75
N LEU C 234 -4.68 40.65 2.78
CA LEU C 234 -5.47 39.45 2.52
C LEU C 234 -6.68 39.75 1.65
N GLN C 235 -7.27 40.92 1.84
CA GLN C 235 -8.44 41.33 1.03
C GLN C 235 -8.05 42.52 0.15
N ASP C 236 -7.36 42.27 -0.95
CA ASP C 236 -6.98 43.31 -1.94
C ASP C 236 -7.14 42.62 -3.28
N GLN C 237 -8.24 42.86 -3.98
CA GLN C 237 -8.46 42.12 -5.23
C GLN C 237 -7.61 42.67 -6.36
N HIS C 238 -6.78 43.69 -6.11
CA HIS C 238 -6.06 44.34 -7.22
C HIS C 238 -4.57 44.37 -6.89
N TYR C 239 -4.22 43.89 -5.71
CA TYR C 239 -2.80 43.78 -5.29
C TYR C 239 -2.18 45.16 -5.17
N TYR C 240 -2.94 46.12 -4.69
CA TYR C 240 -2.44 47.51 -4.54
C TYR C 240 -1.52 47.59 -3.32
N SER C 241 -1.71 46.67 -2.37
CA SER C 241 -0.92 46.67 -1.14
C SER C 241 0.43 46.00 -1.30
N TYR C 242 0.77 45.54 -2.50
CA TYR C 242 1.94 44.69 -2.69
C TYR C 242 3.23 45.45 -2.41
N VAL C 243 4.15 44.79 -1.71
CA VAL C 243 5.44 45.38 -1.36
C VAL C 243 6.46 44.25 -1.18
N GLU C 244 7.64 44.42 -1.78
CA GLU C 244 8.72 43.46 -1.65
C GLU C 244 9.87 44.06 -0.85
N LEU C 245 10.47 43.24 0.00
CA LEU C 245 11.71 43.56 0.67
C LEU C 245 12.75 42.50 0.30
N PRO C 246 14.02 42.88 0.18
CA PRO C 246 15.07 41.87 0.07
C PRO C 246 15.60 41.47 1.44
N LEU C 247 16.23 40.30 1.47
CA LEU C 247 16.70 39.69 2.72
C LEU C 247 18.17 39.36 2.62
N ALA C 248 18.87 39.54 3.73
CA ALA C 248 20.33 39.30 3.73
C ALA C 248 20.84 38.81 5.08
N CYS C 249 21.90 38.02 5.07
CA CYS C 249 22.60 37.59 6.30
C CYS C 249 24.05 37.97 6.09
N GLY C 252 24.50 37.91 4.84
CA GLY C 252 25.86 38.29 4.48
C GLY C 252 26.16 37.90 3.05
N ARG C 253 27.14 37.01 2.85
CA ARG C 253 27.52 36.52 1.51
C ARG C 253 26.45 35.55 1.03
N TYR C 254 26.28 34.43 1.76
CA TYR C 254 25.20 33.46 1.48
C TYR C 254 23.90 34.25 1.53
N GLY C 255 23.28 34.48 0.36
CA GLY C 255 22.08 35.29 0.28
C GLY C 255 21.01 34.68 -0.58
N LEU C 256 21.08 33.37 -0.80
CA LEU C 256 20.04 32.64 -1.52
C LEU C 256 19.31 31.78 -0.49
N ILE C 257 18.09 32.19 -0.15
CA ILE C 257 17.32 31.47 0.84
C ILE C 257 16.97 30.08 0.31
N GLN C 258 16.79 29.14 1.24
CA GLN C 258 16.49 27.75 0.88
C GLN C 258 15.19 27.27 1.51
N ALA C 259 15.02 27.48 2.80
CA ALA C 259 13.77 27.18 3.48
C ALA C 259 13.69 28.06 4.71
N ALA C 260 12.48 28.20 5.24
CA ALA C 260 12.29 29.05 6.41
C ALA C 260 11.05 28.59 7.17
N ALA C 261 11.06 28.82 8.48
CA ALA C 261 9.97 28.39 9.35
C ALA C 261 9.80 29.37 10.49
N VAL C 262 8.57 29.47 10.98
CA VAL C 262 8.25 30.25 12.16
C VAL C 262 8.11 29.29 13.33
N ALA C 263 8.45 29.76 14.54
CA ALA C 263 8.43 28.91 15.73
C ALA C 263 7.02 28.39 15.99
N THR C 264 6.88 27.07 16.01
CA THR C 264 5.58 26.42 16.13
C THR C 264 5.57 25.49 17.34
N SER C 265 4.65 25.74 18.26
CA SER C 265 4.57 25.00 19.51
C SER C 265 3.14 25.09 20.06
N LYS C 266 2.93 24.47 21.22
CA LYS C 266 1.58 24.39 21.77
C LYS C 266 1.14 25.67 22.46
N GLU C 267 2.09 26.45 22.98
CA GLU C 267 1.74 27.73 23.61
C GLU C 267 1.48 28.80 22.54
N VAL C 268 2.51 29.18 21.80
CA VAL C 268 2.37 30.02 20.62
C VAL C 268 2.25 29.11 19.41
N ALA C 269 1.04 29.00 18.87
CA ALA C 269 0.83 28.13 17.71
C ALA C 269 1.69 28.56 16.53
N ARG C 270 1.75 29.86 16.26
CA ARG C 270 2.63 30.42 15.24
C ARG C 270 3.31 31.64 15.84
N GLY C 271 4.64 31.69 15.76
CA GLY C 271 5.41 32.74 16.39
C GLY C 271 5.48 34.00 15.55
N ASP C 272 6.47 34.84 15.90
CA ASP C 272 6.66 36.11 15.23
C ASP C 272 8.10 36.33 14.78
N VAL C 273 8.95 35.32 14.87
CA VAL C 273 10.31 35.36 14.33
C VAL C 273 10.41 34.29 13.25
N LEU C 274 10.86 34.69 12.07
CA LEU C 274 11.00 33.77 10.94
C LEU C 274 12.45 33.34 10.86
N PHE C 275 12.69 32.06 11.15
CA PHE C 275 14.04 31.49 11.09
C PHE C 275 14.29 30.99 9.68
N ALA C 276 15.24 31.60 8.99
CA ALA C 276 15.52 31.32 7.59
C ALA C 276 16.89 30.66 7.44
N ALA C 277 17.01 29.85 6.39
CA ALA C 277 18.23 29.11 6.09
C ALA C 277 18.72 29.49 4.70
N PHE C 278 19.95 29.99 4.62
CA PHE C 278 20.58 30.38 3.37
C PHE C 278 21.73 29.42 3.05
N SER C 279 22.06 29.31 1.77
CA SER C 279 23.15 28.46 1.32
C SER C 279 24.07 29.27 0.42
N SER C 280 25.17 28.65 0.01
CA SER C 280 26.13 29.27 -0.89
C SER C 280 26.07 28.64 -2.28
N ALA C 296 28.70 21.39 -2.81
CA ALA C 296 29.86 20.64 -2.33
C ALA C 296 30.25 21.10 -0.93
N SER C 297 31.47 21.64 -0.80
CA SER C 297 31.97 22.13 0.47
C SER C 297 31.59 23.57 0.75
N GLY C 298 30.46 24.03 0.20
CA GLY C 298 29.93 25.32 0.57
C GLY C 298 29.17 25.27 1.88
N THR C 299 29.06 26.43 2.52
CA THR C 299 28.48 26.50 3.86
C THR C 299 27.01 26.91 3.81
N SER C 300 26.30 26.57 4.88
CA SER C 300 24.93 27.01 5.11
C SER C 300 24.86 27.78 6.41
N VAL C 301 23.78 28.55 6.56
CA VAL C 301 23.66 29.54 7.62
C VAL C 301 22.21 29.61 8.08
N LEU C 302 22.01 29.82 9.38
CA LEU C 302 20.70 30.05 9.96
C LEU C 302 20.63 31.47 10.51
N CYS C 303 19.65 32.24 10.04
CA CYS C 303 19.38 33.58 10.53
C CYS C 303 17.95 33.67 11.03
N ALA C 304 17.62 34.82 11.61
CA ALA C 304 16.29 35.05 12.17
C ALA C 304 15.85 36.46 11.81
N PHE C 305 14.69 36.56 11.15
CA PHE C 305 14.12 37.85 10.78
C PHE C 305 12.86 38.09 11.61
N PRO C 306 12.91 38.94 12.63
CA PRO C 306 11.71 39.23 13.42
C PRO C 306 10.61 39.81 12.53
N LEU C 307 9.46 39.12 12.51
CA LEU C 307 8.39 39.48 11.58
C LEU C 307 7.87 40.89 11.79
N ASP C 308 8.10 41.48 12.97
CA ASP C 308 7.71 42.87 13.16
C ASP C 308 8.64 43.80 12.38
N GLU C 309 9.93 43.46 12.31
CA GLU C 309 10.86 44.27 11.52
C GLU C 309 10.57 44.17 10.03
N VAL C 310 10.10 43.02 9.57
CA VAL C 310 9.64 42.90 8.18
C VAL C 310 8.51 43.89 7.93
N ASP C 311 7.50 43.89 8.80
CA ASP C 311 6.35 44.77 8.63
C ASP C 311 6.76 46.23 8.74
N GLN C 312 7.73 46.52 9.61
CA GLN C 312 8.18 47.90 9.78
C GLN C 312 8.84 48.43 8.52
N LEU C 313 9.71 47.62 7.89
CA LEU C 313 10.38 48.08 6.68
C LEU C 313 9.43 48.13 5.50
N ALA C 314 8.45 47.23 5.45
CA ALA C 314 7.38 47.37 4.46
C ALA C 314 6.64 48.69 4.66
N ASN C 315 6.36 49.04 5.90
CA ASN C 315 5.57 50.27 6.17
C ASN C 315 6.36 51.49 5.72
N TYR C 316 7.66 51.53 6.02
CA TYR C 316 8.54 52.64 5.59
C TYR C 316 8.61 52.68 4.07
N THR C 317 8.81 51.53 3.45
CA THR C 317 8.93 51.45 1.98
C THR C 317 7.64 51.97 1.37
N ARG C 318 6.52 51.66 1.99
CA ARG C 318 5.24 52.18 1.51
C ARG C 318 5.13 53.68 1.77
N ASP C 319 5.33 54.10 3.02
CA ASP C 319 5.21 55.52 3.37
C ASP C 319 6.13 56.38 2.52
N ALA C 320 7.35 55.90 2.28
CA ALA C 320 8.27 56.63 1.41
C ALA C 320 7.73 56.75 0.00
N CYS C 321 7.34 55.63 -0.61
CA CYS C 321 6.84 55.67 -1.98
C CYS C 321 5.51 56.40 -2.08
N TYR C 322 4.72 56.41 -1.01
CA TYR C 322 3.44 57.12 -1.05
C TYR C 322 3.64 58.63 -1.04
N THR C 323 4.64 59.12 -0.30
CA THR C 323 4.74 60.54 0.00
C THR C 323 6.05 61.18 -0.43
N ARG C 324 7.20 60.64 -0.01
CA ARG C 324 8.47 61.28 -0.33
C ARG C 324 9.05 60.84 -1.66
N GLU C 325 8.19 60.49 -2.63
CA GLU C 325 8.64 59.99 -3.93
C GLU C 325 9.62 58.82 -3.75
N GLY C 326 9.49 58.10 -2.64
CA GLY C 326 10.36 56.99 -2.30
C GLY C 326 11.82 57.39 -2.14
N ARG C 327 12.04 58.45 -1.40
CA ARG C 327 13.42 58.88 -1.12
C ARG C 327 13.36 59.29 0.33
N ALA C 328 14.39 59.04 1.10
CA ALA C 328 14.27 59.51 2.48
C ALA C 328 14.53 61.01 2.47
N GLU C 329 14.92 61.56 3.61
CA GLU C 329 15.31 62.97 3.58
C GLU C 329 16.80 62.94 3.29
N ASN C 330 17.52 61.91 3.77
CA ASN C 330 18.92 61.90 3.37
C ASN C 330 19.08 62.06 1.86
N GLY C 331 18.00 61.81 1.10
CA GLY C 331 18.03 61.83 -0.34
C GLY C 331 18.13 60.46 -0.97
N THR C 332 18.44 59.44 -0.17
CA THR C 332 18.65 58.09 -0.67
C THR C 332 17.33 57.47 -1.10
N LYS C 333 17.30 56.92 -2.32
CA LYS C 333 16.13 56.18 -2.74
C LYS C 333 15.99 54.92 -1.90
N VAL C 334 14.94 54.87 -1.08
CA VAL C 334 14.68 53.76 -0.18
C VAL C 334 13.54 52.88 -0.69
N ALA C 335 13.03 53.16 -1.89
CA ALA C 335 11.90 52.44 -2.44
C ALA C 335 11.69 52.92 -3.87
N ASP C 336 10.97 52.10 -4.65
CA ASP C 336 10.39 52.51 -5.92
C ASP C 336 9.44 51.46 -6.48
N ILE C 337 8.95 51.65 -7.70
CA ILE C 337 7.97 50.75 -8.27
C ILE C 337 8.64 49.47 -8.72
N ALA C 338 8.02 48.34 -8.43
CA ALA C 338 8.58 47.03 -8.73
C ALA C 338 8.20 46.57 -10.13
N TYR C 339 9.07 45.74 -10.72
CA TYR C 339 8.76 44.95 -11.91
C TYR C 339 8.45 45.82 -13.13
N ASP C 340 9.32 46.77 -13.45
CA ASP C 340 9.15 47.57 -14.71
C ASP C 340 7.69 47.91 -14.98
N VAL C 341 6.90 48.21 -13.97
CA VAL C 341 5.52 48.63 -14.26
C VAL C 341 5.54 50.14 -14.53
N LEU C 342 4.68 50.60 -15.43
CA LEU C 342 4.58 52.05 -15.75
C LEU C 342 3.78 52.74 -14.66
N SER C 343 4.39 52.95 -13.51
CA SER C 343 3.76 53.70 -12.40
C SER C 343 4.92 54.38 -11.69
N ASP C 344 4.64 55.20 -10.70
CA ASP C 344 5.75 55.95 -10.07
C ASP C 344 5.45 56.33 -8.63
N CYS C 345 6.47 56.25 -7.78
CA CYS C 345 6.29 56.78 -6.43
C CYS C 345 5.84 58.23 -6.52
N ALA C 346 4.83 58.59 -5.72
CA ALA C 346 4.22 59.91 -5.78
C ALA C 346 4.47 60.68 -4.49
N GLN C 347 4.06 61.94 -4.50
CA GLN C 347 4.14 62.83 -3.33
C GLN C 347 2.72 63.16 -2.89
N LEU C 348 2.14 62.28 -2.09
CA LEU C 348 0.76 62.35 -1.65
C LEU C 348 0.68 62.84 -0.21
N PRO C 349 -0.52 63.15 0.32
CA PRO C 349 -0.64 63.54 1.72
C PRO C 349 -0.07 62.54 2.72
N VAL C 350 0.55 63.04 3.79
CA VAL C 350 1.18 62.18 4.83
C VAL C 350 0.07 61.44 5.57
N ASP C 351 -1.15 61.55 5.08
CA ASP C 351 -2.31 60.88 5.72
C ASP C 351 -2.64 59.66 4.87
N THR C 352 -2.23 59.69 3.60
CA THR C 352 -2.57 58.58 2.72
C THR C 352 -2.23 57.20 3.28
N PRO C 353 -1.05 56.95 3.84
CA PRO C 353 -0.78 55.62 4.40
C PRO C 353 -1.81 55.16 5.42
N ASP C 354 -2.18 56.02 6.37
CA ASP C 354 -3.16 55.65 7.38
C ASP C 354 -4.53 55.40 6.75
N ALA C 355 -4.96 56.30 5.87
CA ALA C 355 -6.29 56.23 5.28
C ALA C 355 -6.38 55.24 4.12
N PHE C 356 -5.26 54.71 3.64
CA PHE C 356 -5.25 53.74 2.54
C PHE C 356 -4.21 52.67 2.82
N PRO C 357 -4.38 51.89 3.90
CA PRO C 357 -3.33 50.93 4.28
C PRO C 357 -3.09 49.85 3.24
N CYS C 358 -4.10 49.48 2.47
CA CYS C 358 -3.96 48.46 1.43
C CYS C 358 -3.89 49.06 0.03
N GLY C 359 -3.96 50.38 -0.10
CA GLY C 359 -3.83 51.04 -1.38
C GLY C 359 -5.15 51.57 -1.89
N SER C 360 -5.13 51.98 -3.16
CA SER C 360 -6.28 52.55 -3.82
C SER C 360 -6.05 52.54 -5.34
N ASP C 361 -7.01 53.09 -6.08
CA ASP C 361 -6.83 53.24 -7.52
C ASP C 361 -5.66 54.18 -7.85
N HIS C 362 -5.29 55.05 -6.92
CA HIS C 362 -4.38 56.15 -7.21
C HIS C 362 -3.13 56.12 -6.32
N THR C 363 -2.82 54.99 -5.70
CA THR C 363 -1.61 54.86 -4.86
C THR C 363 -0.54 54.10 -5.62
N PRO C 364 0.74 54.51 -5.60
CA PRO C 364 1.82 53.75 -6.23
C PRO C 364 1.52 52.25 -6.05
N SER C 365 1.51 51.46 -7.14
CA SER C 365 0.99 50.08 -7.02
C SER C 365 2.03 48.98 -6.78
N PRO C 366 2.90 48.56 -7.72
CA PRO C 366 3.82 47.49 -7.40
C PRO C 366 5.01 48.11 -6.67
N MET C 367 5.24 47.77 -5.40
CA MET C 367 6.31 48.45 -4.63
C MET C 367 7.42 47.50 -4.17
N VAL C 368 8.66 47.99 -4.13
CA VAL C 368 9.83 47.23 -3.70
C VAL C 368 10.71 48.17 -2.87
N SER C 369 11.38 47.59 -1.86
CA SER C 369 12.30 48.33 -1.02
C SER C 369 13.70 48.26 -1.60
N CYS C 370 14.33 49.41 -1.76
CA CYS C 370 15.73 49.44 -2.18
C CYS C 370 16.69 49.13 -1.04
N VAL C 371 16.22 49.12 0.21
CA VAL C 371 17.02 48.81 1.38
C VAL C 371 16.64 47.41 1.85
N PRO C 372 17.58 46.47 1.91
CA PRO C 372 17.23 45.12 2.34
C PRO C 372 17.12 45.02 3.85
N LEU C 373 16.41 44.00 4.30
CA LEU C 373 16.33 43.66 5.71
C LEU C 373 17.44 42.66 6.02
N GLU C 374 18.37 43.06 6.88
CA GLU C 374 19.55 42.26 7.15
C GLU C 374 19.45 41.57 8.51
N ALA C 375 20.33 40.60 8.70
CA ALA C 375 20.43 39.86 9.94
C ALA C 375 21.81 39.24 10.00
N THR C 376 22.22 38.86 11.21
CA THR C 376 23.47 38.14 11.24
C THR C 376 23.23 36.68 11.61
N PRO C 377 24.03 35.78 11.07
CA PRO C 377 23.91 34.35 11.44
C PRO C 377 23.89 34.12 12.94
N ILE C 378 22.92 33.30 13.37
CA ILE C 378 22.97 32.74 14.71
C ILE C 378 23.57 31.34 14.72
N LEU C 379 23.94 30.81 13.55
CA LEU C 379 24.56 29.50 13.44
C LEU C 379 25.13 29.35 12.02
N GLU C 380 26.34 28.79 11.93
CA GLU C 380 27.00 28.57 10.65
C GLU C 380 27.37 27.10 10.52
N LEU C 381 26.99 26.48 9.42
CA LEU C 381 27.27 25.07 9.16
C LEU C 381 28.20 24.94 7.97
N PRO C 382 29.48 24.62 8.17
CA PRO C 382 30.46 24.81 7.09
C PRO C 382 30.35 23.83 5.93
N GLY C 383 30.00 22.57 6.16
CA GLY C 383 30.00 21.60 5.08
C GLY C 383 28.61 21.17 4.63
N VAL C 384 27.63 22.05 4.78
CA VAL C 384 26.22 21.69 4.73
C VAL C 384 25.50 22.55 3.70
N GLN C 385 24.53 21.95 3.01
CA GLN C 385 23.58 22.65 2.15
C GLN C 385 22.18 22.39 2.72
N LEU C 386 21.66 23.37 3.46
CA LEU C 386 20.40 23.19 4.17
C LEU C 386 19.21 23.22 3.20
N THR C 387 18.18 22.44 3.55
CA THR C 387 17.01 22.30 2.69
C THR C 387 15.68 22.44 3.41
N ALA C 388 15.63 22.37 4.74
CA ALA C 388 14.35 22.39 5.45
C ALA C 388 14.57 22.88 6.87
N VAL C 389 13.60 23.64 7.38
CA VAL C 389 13.68 24.26 8.70
C VAL C 389 12.39 23.99 9.46
N ALA C 390 12.52 23.76 10.78
CA ALA C 390 11.39 23.68 11.69
C ALA C 390 11.87 24.11 13.07
N VAL C 391 11.01 24.85 13.79
CA VAL C 391 11.35 25.40 15.11
C VAL C 391 10.21 25.12 16.08
N THR C 392 10.57 24.91 17.35
CA THR C 392 9.60 24.70 18.42
C THR C 392 10.28 25.07 19.74
N MET C 393 9.52 24.97 20.83
CA MET C 393 9.98 25.40 22.14
C MET C 393 9.76 24.30 23.17
N GLU C 394 10.74 24.10 24.05
CA GLU C 394 10.64 23.17 25.16
C GLU C 394 11.16 23.87 26.41
N ASP C 395 10.30 24.00 27.41
CA ASP C 395 10.62 24.71 28.67
C ASP C 395 11.19 26.10 28.40
N GLY C 396 10.57 26.82 27.47
CA GLY C 396 11.09 28.12 27.09
C GLY C 396 12.43 28.10 26.40
N HIS C 397 12.97 26.93 26.08
CA HIS C 397 14.15 26.81 25.24
C HIS C 397 13.70 26.59 23.80
N THR C 398 14.27 27.38 22.87
CA THR C 398 13.91 27.29 21.47
C THR C 398 14.83 26.28 20.78
N ILE C 399 14.22 25.37 20.01
CA ILE C 399 14.94 24.26 19.39
C ILE C 399 14.57 24.23 17.91
N ALA C 400 15.58 24.09 17.06
CA ALA C 400 15.39 24.07 15.61
C ALA C 400 15.80 22.72 15.05
N PHE C 401 15.04 22.23 14.08
CA PHE C 401 15.32 21.00 13.38
C PHE C 401 15.60 21.34 11.92
N LEU C 402 16.77 20.96 11.44
CA LEU C 402 17.26 21.36 10.13
C LEU C 402 17.58 20.13 9.29
N GLY C 403 17.08 20.11 8.06
CA GLY C 403 17.41 19.08 7.10
C GLY C 403 18.35 19.63 6.04
N ASP C 404 19.18 18.75 5.49
CA ASP C 404 20.18 19.15 4.50
C ASP C 404 20.05 18.26 3.26
N SER C 405 20.89 18.58 2.26
CA SER C 405 20.83 17.92 0.97
C SER C 405 21.29 16.47 1.02
N GLN C 406 22.04 16.06 2.04
CA GLN C 406 22.56 14.71 2.14
C GLN C 406 21.72 13.81 3.03
N GLY C 407 20.60 14.31 3.56
CA GLY C 407 19.68 13.48 4.30
C GLY C 407 19.86 13.48 5.79
N GLN C 408 20.54 14.48 6.35
CA GLN C 408 20.69 14.58 7.80
C GLN C 408 19.66 15.53 8.38
N LEU C 409 19.39 15.34 9.66
CA LEU C 409 18.50 16.22 10.43
C LEU C 409 19.30 16.75 11.61
N HIS C 410 19.72 18.01 11.51
CA HIS C 410 20.43 18.66 12.59
C HIS C 410 19.45 19.19 13.63
N ARG C 411 19.77 18.99 14.90
CA ARG C 411 18.99 19.51 16.01
C ARG C 411 19.84 20.50 16.77
N VAL C 412 19.41 21.76 16.81
CA VAL C 412 20.20 22.82 17.40
C VAL C 412 19.41 23.51 18.49
N TYR C 413 20.13 23.92 19.53
CA TYR C 413 19.58 24.67 20.65
C TYR C 413 19.83 26.15 20.42
N LEU C 414 18.76 26.92 20.27
CA LEU C 414 18.84 28.36 20.09
C LEU C 414 18.44 29.13 21.34
N GLY C 415 18.36 28.43 22.48
CA GLY C 415 17.76 28.98 23.67
C GLY C 415 18.51 30.14 24.29
N PRO C 416 18.11 30.51 25.51
CA PRO C 416 18.70 31.70 26.17
C PRO C 416 20.22 31.63 26.27
N GLY C 417 20.74 30.62 26.98
CA GLY C 417 22.17 30.46 27.13
C GLY C 417 22.88 30.11 25.85
N ALA C 420 24.02 29.61 20.47
CA ALA C 420 23.22 28.77 19.61
C ALA C 420 24.09 27.76 18.88
N ALA C 421 24.15 26.53 19.40
CA ALA C 421 25.07 25.52 18.93
C ALA C 421 24.37 24.17 18.77
N PRO C 422 24.80 23.36 17.81
CA PRO C 422 24.10 22.11 17.52
C PRO C 422 24.37 21.03 18.57
N TYR C 423 23.32 20.27 18.88
CA TYR C 423 23.45 19.18 19.83
C TYR C 423 23.29 17.79 19.22
N SER C 424 22.86 17.68 17.97
CA SER C 424 22.76 16.36 17.35
C SER C 424 22.65 16.48 15.84
N LYS C 425 22.99 15.48 15.13
CA LYS C 425 22.83 15.38 13.65
C LYS C 425 22.68 13.89 13.39
N GLN C 426 21.83 13.46 12.55
CA GLN C 426 21.48 12.08 12.25
C GLN C 426 21.02 12.01 10.80
N SER C 427 21.43 10.95 10.10
CA SER C 427 20.96 10.72 8.74
C SER C 427 19.59 10.06 8.77
N ILE C 428 18.66 10.62 8.00
CA ILE C 428 17.36 10.00 7.78
C ILE C 428 17.41 9.05 6.60
N GLN C 429 17.93 9.53 5.48
CA GLN C 429 18.27 8.66 4.35
C GLN C 429 19.53 9.21 3.67
N PRO C 430 20.67 8.52 3.81
CA PRO C 430 21.93 9.01 3.24
C PRO C 430 21.85 9.45 1.78
N GLY C 431 22.19 10.72 1.53
CA GLY C 431 22.28 11.22 0.17
C GLY C 431 20.98 11.68 -0.44
N SER C 432 19.88 11.68 0.31
CA SER C 432 18.59 12.10 -0.21
C SER C 432 18.16 13.40 0.46
N PRO C 433 17.84 14.44 -0.32
CA PRO C 433 17.54 15.74 0.30
C PRO C 433 16.28 15.71 1.16
N VAL C 434 16.37 16.32 2.33
CA VAL C 434 15.20 16.49 3.19
C VAL C 434 14.28 17.55 2.59
N ASN C 435 12.98 17.27 2.60
CA ASN C 435 12.00 18.14 1.99
C ASN C 435 11.56 19.22 2.98
N ARG C 436 11.26 20.40 2.47
CA ARG C 436 10.89 21.55 3.33
C ARG C 436 9.62 21.29 4.13
N ASP C 437 8.81 20.34 3.71
CA ASP C 437 7.50 20.14 4.37
C ASP C 437 7.69 19.32 5.64
N LEU C 438 8.45 19.87 6.58
CA LEU C 438 8.67 19.24 7.91
C LEU C 438 7.47 19.60 8.78
N THR C 439 6.90 18.64 9.50
CA THR C 439 5.65 18.86 10.23
C THR C 439 5.68 18.14 11.57
N PHE C 440 5.16 18.82 12.60
CA PHE C 440 4.98 18.26 13.94
C PHE C 440 3.59 17.64 14.08
N ASP C 441 3.42 16.83 15.13
CA ASP C 441 2.25 15.98 15.30
C ASP C 441 1.25 16.53 16.32
N GLY C 442 1.16 17.85 16.45
CA GLY C 442 0.13 18.42 17.28
C GLY C 442 0.47 18.38 18.76
N THR C 443 0.83 17.19 19.24
CA THR C 443 1.45 17.08 20.55
C THR C 443 2.87 17.61 20.54
N PHE C 444 3.42 17.88 19.35
CA PHE C 444 4.78 18.39 19.18
C PHE C 444 5.81 17.45 19.81
N GLU C 445 5.47 16.17 19.88
CA GLU C 445 6.35 15.14 20.37
C GLU C 445 7.06 14.38 19.26
N HIS C 446 6.65 14.57 18.01
CA HIS C 446 7.30 13.92 16.88
C HIS C 446 7.31 14.86 15.69
N LEU C 447 8.35 14.73 14.87
CA LEU C 447 8.50 15.48 13.63
C LEU C 447 8.46 14.51 12.45
N TYR C 448 7.56 14.77 11.50
CA TYR C 448 7.45 13.98 10.29
C TYR C 448 8.50 14.48 9.29
N VAL C 449 9.59 13.73 9.14
CA VAL C 449 10.66 14.09 8.22
C VAL C 449 10.51 13.28 6.94
N ALA C 450 10.63 13.94 5.79
CA ALA C 450 10.46 13.30 4.49
C ALA C 450 11.66 13.60 3.62
N THR C 451 12.23 12.56 3.02
CA THR C 451 13.29 12.73 2.02
C THR C 451 12.66 12.66 0.62
N GLN C 452 13.13 12.18 -0.34
CA GLN C 452 12.56 12.16 -1.72
C GLN C 452 11.86 10.85 -2.02
N THR C 453 12.24 9.75 -1.20
CA THR C 453 11.48 8.52 -1.37
C THR C 453 11.00 7.94 -0.06
N THR C 454 11.24 8.62 1.05
CA THR C 454 10.91 8.06 2.39
C THR C 454 10.25 9.08 3.32
N LEU C 455 9.23 8.66 4.07
CA LEU C 455 8.59 9.49 5.10
C LEU C 455 8.86 8.83 6.44
N VAL C 456 9.47 9.55 7.36
CA VAL C 456 9.79 9.00 8.70
C VAL C 456 9.11 9.82 9.79
N LYS C 457 8.86 9.22 10.93
CA LYS C 457 8.36 9.87 12.14
C LYS C 457 9.45 9.80 13.19
N VAL C 458 10.03 10.95 13.53
CA VAL C 458 11.16 11.03 14.46
C VAL C 458 10.67 11.63 15.77
N PRO C 459 11.18 11.17 16.93
CA PRO C 459 10.83 11.84 18.19
C PRO C 459 11.72 13.04 18.45
N VAL C 460 11.12 14.07 19.05
CA VAL C 460 11.91 15.25 19.43
C VAL C 460 12.73 14.96 20.67
N ALA C 461 12.21 14.12 21.58
CA ALA C 461 12.92 13.67 22.77
C ALA C 461 13.32 12.21 22.57
N PRO C 462 14.52 11.94 22.03
CA PRO C 462 14.98 10.57 21.79
C PRO C 462 15.58 9.93 23.03
N CYS C 463 14.92 10.10 24.17
CA CYS C 463 15.52 9.84 25.47
C CYS C 463 15.66 8.36 25.78
N ALA C 464 14.74 7.52 25.30
CA ALA C 464 14.71 6.12 25.74
C ALA C 464 15.91 5.32 25.26
N GLN C 465 16.54 5.75 24.16
CA GLN C 465 17.64 4.98 23.58
C GLN C 465 18.87 5.03 24.46
N HIS C 466 18.78 5.74 25.58
CA HIS C 466 19.88 5.90 26.51
C HIS C 466 19.52 5.16 27.80
N LEU C 467 20.31 4.14 28.12
CA LEU C 467 19.93 3.10 29.08
C LEU C 467 20.47 3.33 30.48
N ASP C 468 21.71 3.80 30.63
CA ASP C 468 22.24 4.15 31.93
C ASP C 468 22.38 5.67 32.04
N CYS C 469 23.01 6.12 33.13
CA CYS C 469 23.18 7.56 33.35
C CYS C 469 24.27 8.12 32.44
N ASP C 470 25.41 7.44 32.35
CA ASP C 470 26.51 7.92 31.50
C ASP C 470 26.08 8.03 30.04
N SER C 471 25.20 7.13 29.58
CA SER C 471 24.68 7.26 28.23
C SER C 471 23.77 8.46 28.10
N CYS C 472 22.89 8.68 29.08
CA CYS C 472 21.95 9.79 29.01
C CYS C 472 22.67 11.13 29.04
N LEU C 473 23.75 11.23 29.81
CA LEU C 473 24.47 12.49 29.97
C LEU C 473 25.58 12.68 28.95
N ALA C 474 26.05 11.62 28.29
CA ALA C 474 27.01 11.79 27.21
C ALA C 474 26.35 12.25 25.92
N HIS C 475 25.03 12.15 25.83
CA HIS C 475 24.28 12.56 24.65
C HIS C 475 23.39 13.72 25.07
N ARG C 476 23.96 14.94 25.02
CA ARG C 476 23.26 16.13 25.46
C ARG C 476 22.04 16.40 24.60
N ASP C 477 20.88 16.44 25.24
CA ASP C 477 19.63 16.77 24.56
C ASP C 477 18.77 17.61 25.50
N PRO C 478 18.42 18.84 25.11
CA PRO C 478 17.64 19.73 26.00
C PRO C 478 16.30 19.14 26.44
N TYR C 479 15.79 18.15 25.70
CA TYR C 479 14.61 17.43 26.15
C TYR C 479 14.94 16.40 27.22
N CYS C 480 16.13 15.79 27.15
CA CYS C 480 16.42 14.57 27.88
C CYS C 480 17.17 14.85 29.18
N GLY C 481 17.02 13.93 30.13
CA GLY C 481 17.69 13.99 31.43
C GLY C 481 17.48 12.66 32.14
N TRP C 482 18.19 12.39 33.24
CA TRP C 482 18.12 11.08 33.94
C TRP C 482 17.14 11.08 35.12
N CYS C 483 16.12 10.22 35.08
CA CYS C 483 15.17 10.10 36.20
C CYS C 483 15.72 9.03 37.13
N VAL C 484 16.38 9.44 38.21
CA VAL C 484 17.01 8.49 39.16
C VAL C 484 15.93 7.62 39.77
N LEU C 485 14.69 8.34 39.89
CA LEU C 485 13.52 7.67 40.49
C LEU C 485 13.13 6.44 39.66
N LEU C 486 13.03 6.51 38.41
CA LEU C 486 12.46 5.48 37.52
C LEU C 486 13.54 4.61 36.87
N GLY C 487 14.80 5.02 36.92
CA GLY C 487 15.86 4.16 36.39
C GLY C 487 15.93 4.28 34.89
N ARG C 488 15.49 5.41 34.36
CA ARG C 488 15.45 5.61 32.90
C ARG C 488 15.90 7.02 32.52
N CYS C 489 16.26 7.23 31.25
CA CYS C 489 16.59 8.55 30.72
C CYS C 489 15.33 9.08 30.03
N SER C 490 14.74 10.11 30.61
CA SER C 490 13.44 10.58 30.11
C SER C 490 13.34 12.09 30.14
N ARG C 491 12.16 12.60 29.79
CA ARG C 491 11.92 14.01 29.99
C ARG C 491 11.69 14.28 31.47
N ARG C 492 11.92 15.53 31.87
CA ARG C 492 11.18 16.03 33.02
C ARG C 492 9.72 16.14 32.61
N SER C 493 8.83 15.90 33.58
CA SER C 493 7.40 15.61 33.43
C SER C 493 7.19 14.13 33.09
N GLU C 494 8.27 13.36 33.18
CA GLU C 494 8.14 11.89 33.03
C GLU C 494 8.79 11.33 34.28
N CYS C 495 9.27 12.20 35.17
CA CYS C 495 9.93 11.76 36.43
C CYS C 495 8.86 11.76 37.53
N SER C 496 7.69 11.17 37.26
CA SER C 496 6.59 11.12 38.23
C SER C 496 6.27 12.49 38.84
N GLU C 502 10.85 13.67 42.20
CA GLU C 502 10.73 14.35 40.92
C GLU C 502 12.10 14.93 40.53
N GLN C 503 13.15 14.25 41.02
CA GLN C 503 14.55 14.71 40.80
C GLN C 503 15.03 14.29 39.42
N TRP C 504 15.59 15.23 38.67
CA TRP C 504 15.96 14.96 37.27
C TRP C 504 17.31 15.61 36.97
N LEU C 505 18.22 14.85 36.39
CA LEU C 505 19.52 15.42 36.02
C LEU C 505 19.49 15.77 34.54
N TRP C 506 19.33 17.06 34.25
CA TRP C 506 19.29 17.54 32.87
C TRP C 506 20.58 17.18 32.14
N SER C 507 20.43 16.75 30.88
CA SER C 507 21.58 16.33 30.09
C SER C 507 22.40 17.52 29.59
N PHE C 508 21.73 18.58 29.16
CA PHE C 508 22.40 19.69 28.48
C PHE C 508 23.45 20.35 29.38
N GLN C 509 23.01 21.10 30.38
CA GLN C 509 23.89 21.70 31.37
C GLN C 509 23.63 20.99 32.70
N PRO C 510 24.41 19.98 33.04
CA PRO C 510 24.17 19.19 34.26
C PRO C 510 24.82 19.76 35.52
N GLU C 511 24.24 19.40 36.65
CA GLU C 511 24.77 19.89 37.93
C GLU C 511 25.55 18.83 38.68
N LEU C 512 25.11 17.58 38.64
CA LEU C 512 25.71 16.49 39.38
C LEU C 512 26.28 15.44 38.43
N GLY C 513 26.85 14.39 39.01
CA GLY C 513 27.42 13.28 38.28
C GLY C 513 26.48 12.08 38.28
N CYS C 514 27.06 10.91 38.05
CA CYS C 514 26.29 9.67 38.09
C CYS C 514 26.79 8.78 39.21
N VAL D 2 15.37 20.34 -16.29
CA VAL D 2 15.12 21.26 -17.39
C VAL D 2 15.12 20.56 -18.74
N GLN D 3 16.17 19.79 -19.03
CA GLN D 3 16.31 19.25 -20.37
C GLN D 3 16.99 17.88 -20.34
N LEU D 4 16.83 17.17 -21.45
CA LEU D 4 17.40 15.83 -21.65
C LEU D 4 17.80 15.74 -23.12
N GLN D 5 19.09 15.61 -23.38
CA GLN D 5 19.62 15.64 -24.75
C GLN D 5 20.22 14.30 -25.11
N GLU D 6 19.78 13.74 -26.24
CA GLU D 6 20.37 12.52 -26.78
C GLU D 6 21.42 12.89 -27.82
N SER D 7 22.57 12.22 -27.76
CA SER D 7 23.63 12.42 -28.74
C SER D 7 24.10 11.07 -29.25
N GLY D 8 24.60 11.07 -30.48
CA GLY D 8 25.26 9.91 -31.04
C GLY D 8 24.45 9.07 -32.01
N GLY D 9 23.41 9.62 -32.62
CA GLY D 9 22.72 8.93 -33.69
C GLY D 9 23.58 8.89 -34.95
N GLY D 10 23.05 8.23 -35.97
CA GLY D 10 23.75 8.23 -37.25
C GLY D 10 23.31 7.08 -38.14
N LEU D 11 24.16 6.78 -39.11
CA LEU D 11 23.93 5.75 -40.11
C LEU D 11 24.96 4.64 -39.95
N VAL D 12 24.52 3.39 -40.09
CA VAL D 12 25.39 2.24 -39.94
C VAL D 12 25.03 1.16 -40.95
N GLN D 13 26.04 0.42 -41.38
CA GLN D 13 25.82 -0.76 -42.19
C GLN D 13 25.26 -1.88 -41.32
N PRO D 14 24.37 -2.72 -41.87
CA PRO D 14 23.81 -3.83 -41.08
C PRO D 14 24.89 -4.68 -40.43
N GLY D 15 24.56 -5.24 -39.27
CA GLY D 15 25.53 -5.93 -38.46
C GLY D 15 26.50 -5.04 -37.71
N GLY D 16 26.38 -3.73 -37.84
CA GLY D 16 27.29 -2.80 -37.21
C GLY D 16 26.95 -2.52 -35.77
N SER D 17 27.39 -1.36 -35.29
CA SER D 17 27.23 -1.01 -33.89
C SER D 17 27.25 0.51 -33.74
N LEU D 18 26.70 0.97 -32.62
CA LEU D 18 26.49 2.40 -32.37
C LEU D 18 26.19 2.60 -30.89
N ARG D 19 26.64 3.73 -30.34
CA ARG D 19 26.35 4.08 -28.96
C ARG D 19 25.64 5.43 -28.90
N LEU D 20 24.55 5.49 -28.12
CA LEU D 20 23.85 6.73 -27.87
C LEU D 20 24.18 7.23 -26.46
N SER D 21 23.96 8.52 -26.26
CA SER D 21 24.09 9.15 -24.96
C SER D 21 22.79 9.87 -24.60
N CYS D 22 22.68 10.24 -23.34
CA CYS D 22 21.56 11.04 -22.87
C CYS D 22 22.05 11.91 -21.72
N ALA D 23 22.38 13.16 -22.03
CA ALA D 23 22.82 14.12 -21.03
C ALA D 23 21.62 14.81 -20.41
N ALA D 24 21.67 14.99 -19.09
CA ALA D 24 20.65 15.71 -18.34
C ALA D 24 21.23 17.02 -17.82
N SER D 25 20.41 18.07 -17.84
CA SER D 25 20.83 19.37 -17.37
C SER D 25 19.70 19.97 -16.56
N GLY D 26 20.05 20.63 -15.44
CA GLY D 26 19.06 21.21 -14.58
C GLY D 26 18.41 20.25 -13.60
N PHE D 27 18.87 19.01 -13.53
CA PHE D 27 18.40 18.04 -12.54
C PHE D 27 19.29 16.80 -12.60
N ARG D 28 19.23 16.02 -11.51
CA ARG D 28 20.11 14.89 -11.28
C ARG D 28 19.32 13.60 -11.49
N LEU D 29 19.72 12.80 -12.48
CA LEU D 29 19.03 11.55 -12.77
C LEU D 29 19.56 10.38 -11.94
N ASP D 30 20.27 10.66 -10.84
CA ASP D 30 20.78 9.56 -10.02
C ASP D 30 19.65 8.74 -9.42
N TYR D 31 18.59 9.40 -8.97
CA TYR D 31 17.47 8.73 -8.31
C TYR D 31 16.30 8.51 -9.26
N TYR D 32 16.53 8.59 -10.57
CA TYR D 32 15.49 8.43 -11.57
C TYR D 32 15.63 7.09 -12.29
N ALA D 33 14.50 6.51 -12.67
CA ALA D 33 14.47 5.37 -13.58
C ALA D 33 14.47 5.88 -15.02
N ILE D 34 15.39 5.31 -15.79
CA ILE D 34 15.62 5.83 -17.15
C ILE D 34 15.08 4.85 -18.18
N GLY D 35 14.61 5.39 -19.29
CA GLY D 35 14.04 4.55 -20.35
C GLY D 35 14.48 5.00 -21.71
N TRP D 36 14.70 4.04 -22.59
CA TRP D 36 15.04 4.33 -23.98
C TRP D 36 13.87 3.95 -24.87
N PHE D 37 13.55 4.82 -25.81
CA PHE D 37 12.38 4.57 -26.67
C PHE D 37 12.76 4.82 -28.12
N ARG D 38 11.95 4.30 -29.03
CA ARG D 38 12.18 4.54 -30.48
C ARG D 38 10.83 4.65 -31.17
N GLN D 39 10.78 5.34 -32.31
CA GLN D 39 9.53 5.40 -33.09
C GLN D 39 9.91 5.58 -34.56
N ALA D 40 9.44 4.69 -35.42
CA ALA D 40 9.69 4.83 -36.87
C ALA D 40 8.58 5.67 -37.48
N PRO D 41 8.89 6.66 -38.36
CA PRO D 41 7.83 7.57 -38.86
C PRO D 41 6.55 6.82 -39.20
N GLY D 42 5.43 7.33 -38.69
CA GLY D 42 4.15 6.73 -39.00
C GLY D 42 3.90 5.38 -38.34
N LYS D 43 4.56 5.12 -37.21
CA LYS D 43 4.23 3.98 -36.38
C LYS D 43 4.24 4.42 -34.92
N GLU D 44 3.80 3.54 -34.04
CA GLU D 44 3.69 3.88 -32.63
C GLU D 44 5.04 3.76 -31.94
N ARG D 45 5.19 4.51 -30.84
CA ARG D 45 6.38 4.42 -30.02
C ARG D 45 6.55 3.01 -29.47
N GLU D 46 7.79 2.67 -29.14
CA GLU D 46 8.10 1.39 -28.52
C GLU D 46 9.19 1.60 -27.49
N GLY D 47 9.11 0.82 -26.41
CA GLY D 47 10.20 0.78 -25.46
C GLY D 47 11.30 -0.16 -25.93
N VAL D 48 12.54 0.23 -25.69
CA VAL D 48 13.70 -0.57 -26.01
C VAL D 48 14.35 -1.13 -24.75
N LEU D 49 14.61 -0.44 -23.79
CA LEU D 49 15.33 -0.93 -22.59
C LEU D 49 15.03 0.01 -21.42
N CYS D 50 14.86 -0.41 -20.28
CA CYS D 50 14.55 0.34 -19.04
C CYS D 50 15.55 -0.07 -17.95
N ILE D 51 15.75 0.79 -16.97
CA ILE D 51 16.69 0.55 -15.87
C ILE D 51 16.16 1.22 -14.62
N SER D 52 16.56 0.69 -13.47
CA SER D 52 16.26 1.27 -12.18
C SER D 52 17.22 2.43 -11.90
N SER D 53 16.89 3.21 -10.87
CA SER D 53 17.87 4.17 -10.35
C SER D 53 19.03 3.45 -9.70
N SER D 54 18.79 2.25 -9.17
CA SER D 54 19.85 1.43 -8.61
C SER D 54 20.58 0.62 -9.67
N GLY D 55 20.11 0.64 -10.92
CA GLY D 55 20.65 -0.21 -11.95
C GLY D 55 20.34 -1.67 -11.69
N GLY D 56 19.66 -1.95 -10.57
CA GLY D 56 19.44 -3.32 -10.16
C GLY D 56 18.61 -4.11 -11.15
N SER D 57 17.48 -3.53 -11.58
CA SER D 57 16.62 -4.17 -12.57
C SER D 57 16.80 -3.51 -13.93
N ILE D 58 16.77 -4.33 -14.97
CA ILE D 58 16.84 -3.88 -16.36
C ILE D 58 15.83 -4.72 -17.13
N ASN D 59 15.05 -4.07 -17.99
CA ASN D 59 14.09 -4.80 -18.82
C ASN D 59 14.30 -4.44 -20.29
N TYR D 60 14.29 -5.47 -21.12
CA TYR D 60 14.56 -5.35 -22.55
C TYR D 60 13.29 -5.67 -23.34
N ALA D 61 13.07 -4.92 -24.42
CA ALA D 61 12.13 -5.38 -25.41
C ALA D 61 12.65 -6.67 -26.02
N ASP D 62 11.72 -7.55 -26.42
CA ASP D 62 12.11 -8.86 -26.90
C ASP D 62 12.94 -8.77 -28.18
N SER D 63 12.73 -7.75 -29.00
CA SER D 63 13.48 -7.61 -30.24
C SER D 63 14.96 -7.39 -29.96
N VAL D 64 15.28 -6.50 -29.02
CA VAL D 64 16.66 -6.09 -28.77
C VAL D 64 17.37 -6.94 -27.73
N LYS D 65 16.66 -7.87 -27.08
CA LYS D 65 17.26 -8.72 -26.05
C LYS D 65 18.50 -9.42 -26.57
N GLY D 66 19.65 -9.11 -25.97
CA GLY D 66 20.92 -9.69 -26.35
C GLY D 66 21.71 -8.90 -27.37
N ARG D 67 21.11 -7.89 -27.99
CA ARG D 67 21.82 -7.03 -28.92
C ARG D 67 22.05 -5.62 -28.39
N PHE D 68 21.23 -5.16 -27.46
CA PHE D 68 21.38 -3.84 -26.85
C PHE D 68 21.69 -4.00 -25.36
N THR D 69 22.25 -2.95 -24.78
CA THR D 69 22.51 -2.92 -23.35
C THR D 69 22.54 -1.48 -22.89
N ILE D 70 22.12 -1.24 -21.64
CA ILE D 70 22.08 0.10 -21.09
C ILE D 70 23.02 0.17 -19.90
N SER D 71 23.63 1.34 -19.73
CA SER D 71 24.52 1.62 -18.62
C SER D 71 24.36 3.09 -18.28
N ARG D 72 24.72 3.45 -17.04
CA ARG D 72 24.59 4.82 -16.59
C ARG D 72 25.89 5.33 -15.99
N ASP D 73 25.98 6.66 -15.91
CA ASP D 73 27.09 7.36 -15.28
C ASP D 73 26.47 8.39 -14.34
N ASN D 74 25.85 7.90 -13.26
CA ASN D 74 25.13 8.74 -12.33
C ASN D 74 25.94 9.95 -11.87
N ALA D 75 27.27 9.85 -11.92
CA ALA D 75 28.10 11.00 -11.57
C ALA D 75 28.04 12.09 -12.63
N LYS D 76 28.37 11.74 -13.87
CA LYS D 76 28.37 12.71 -14.98
C LYS D 76 27.00 12.85 -15.64
N ASN D 77 25.93 12.47 -14.94
CA ASN D 77 24.56 12.85 -15.32
C ASN D 77 24.19 12.38 -16.72
N THR D 78 24.66 11.19 -17.11
CA THR D 78 24.49 10.74 -18.49
C THR D 78 24.24 9.24 -18.52
N VAL D 79 23.38 8.82 -19.44
CA VAL D 79 23.00 7.43 -19.63
C VAL D 79 23.34 7.01 -21.06
N TYR D 80 23.81 5.78 -21.22
CA TYR D 80 24.23 5.25 -22.51
C TYR D 80 23.40 4.05 -22.92
N LEU D 81 23.19 3.90 -24.23
CA LEU D 81 22.54 2.74 -24.81
C LEU D 81 23.43 2.22 -25.94
N GLN D 82 24.00 1.03 -25.74
CA GLN D 82 24.89 0.40 -26.71
C GLN D 82 24.06 -0.52 -27.61
N MET D 83 24.16 -0.32 -28.92
CA MET D 83 23.33 -1.03 -29.90
C MET D 83 24.22 -1.89 -30.80
N ASN D 84 24.34 -3.16 -30.46
CA ASN D 84 25.16 -4.09 -31.22
C ASN D 84 24.30 -4.96 -32.12
N SER D 85 24.94 -5.57 -33.12
CA SER D 85 24.29 -6.51 -34.04
C SER D 85 23.08 -5.86 -34.72
N LEU D 86 23.30 -4.67 -35.27
CA LEU D 86 22.19 -3.86 -35.74
C LEU D 86 21.52 -4.47 -36.98
N LYS D 87 20.23 -4.22 -37.09
CA LYS D 87 19.37 -4.65 -38.18
C LYS D 87 18.69 -3.43 -38.76
N PRO D 88 18.10 -3.53 -39.98
CA PRO D 88 17.51 -2.34 -40.60
C PRO D 88 16.20 -1.91 -39.95
N GLU D 89 15.49 -2.86 -39.34
CA GLU D 89 14.21 -2.55 -38.66
C GLU D 89 14.49 -1.66 -37.45
N ASP D 90 15.71 -1.64 -36.97
CA ASP D 90 16.08 -0.85 -35.75
C ASP D 90 16.26 0.61 -36.16
N THR D 91 15.80 0.98 -37.35
CA THR D 91 15.94 2.36 -37.83
C THR D 91 14.86 3.21 -37.18
N ALA D 92 15.21 4.42 -36.74
CA ALA D 92 14.24 5.30 -36.05
C ALA D 92 14.93 6.44 -35.32
N VAL D 93 14.13 7.31 -34.72
CA VAL D 93 14.70 8.36 -33.83
C VAL D 93 14.57 7.77 -32.43
N TYR D 94 15.66 7.76 -31.68
CA TYR D 94 15.64 7.09 -30.37
C TYR D 94 15.47 8.14 -29.28
N TYR D 95 14.59 7.86 -28.34
CA TYR D 95 14.25 8.85 -27.29
C TYR D 95 14.70 8.37 -25.91
N CYS D 96 15.06 9.30 -25.04
CA CYS D 96 15.49 8.96 -23.67
C CYS D 96 14.49 9.56 -22.70
N GLY D 97 14.10 8.81 -21.67
CA GLY D 97 13.12 9.28 -20.73
C GLY D 97 13.61 9.14 -19.30
N ALA D 98 13.04 9.98 -18.44
CA ALA D 98 13.36 9.99 -17.02
C ALA D 98 12.05 9.95 -16.23
N SER D 99 11.99 9.06 -15.24
CA SER D 99 10.78 8.80 -14.49
C SER D 99 11.07 8.80 -13.00
N SER D 100 10.37 9.66 -12.26
CA SER D 100 10.39 9.65 -10.80
C SER D 100 9.38 8.68 -10.20
N TYR D 101 8.80 7.81 -11.02
CA TYR D 101 7.73 6.91 -10.58
C TYR D 101 8.30 5.51 -10.40
N ASN D 102 8.14 4.98 -9.19
CA ASN D 102 8.52 3.60 -8.86
C ASN D 102 9.93 3.30 -9.38
N THR D 103 10.87 4.13 -8.94
CA THR D 103 12.23 4.12 -9.47
C THR D 103 13.02 2.89 -9.06
N GLN D 104 12.55 2.12 -8.09
CA GLN D 104 13.27 0.90 -7.66
C GLN D 104 12.91 -0.24 -8.60
N ARG D 105 12.16 0.07 -9.64
CA ARG D 105 11.69 -0.98 -10.57
C ARG D 105 12.02 -0.53 -11.99
N ALA D 106 12.08 -1.47 -12.93
CA ALA D 106 12.46 -1.13 -14.32
C ALA D 106 11.22 -1.09 -15.19
N GLU D 107 10.14 -0.48 -14.67
CA GLU D 107 8.89 -0.33 -15.44
C GLU D 107 8.82 1.12 -15.86
N CYS D 108 8.77 1.39 -17.18
CA CYS D 108 8.80 2.85 -17.49
C CYS D 108 7.77 3.20 -18.56
N TYR D 109 6.50 3.23 -18.17
CA TYR D 109 5.43 3.65 -19.10
C TYR D 109 5.46 5.16 -19.15
N GLY D 110 5.23 5.78 -18.00
CA GLY D 110 5.18 7.25 -17.95
C GLY D 110 6.50 7.83 -17.55
N MET D 111 6.81 9.01 -18.05
CA MET D 111 8.12 9.62 -17.78
C MET D 111 7.97 11.09 -17.40
N ASP D 112 8.70 11.55 -16.38
CA ASP D 112 8.75 12.96 -16.03
C ASP D 112 9.17 13.79 -17.23
N TYR D 113 10.32 13.45 -17.82
CA TYR D 113 10.96 14.26 -18.85
C TYR D 113 11.33 13.37 -20.04
N TRP D 114 11.28 13.95 -21.23
CA TRP D 114 11.76 13.30 -22.44
C TRP D 114 12.66 14.24 -23.21
N GLY D 115 13.49 13.66 -24.06
CA GLY D 115 14.33 14.43 -24.96
C GLY D 115 13.70 14.58 -26.34
N LYS D 116 14.35 15.42 -27.15
CA LYS D 116 13.92 15.58 -28.53
C LYS D 116 14.30 14.38 -29.39
N GLY D 117 15.31 13.62 -28.98
CA GLY D 117 15.70 12.41 -29.68
C GLY D 117 16.93 12.62 -30.54
N THR D 118 17.30 11.52 -31.23
CA THR D 118 18.42 11.55 -32.21
C THR D 118 18.12 10.42 -33.20
N GLN D 119 18.41 10.61 -34.49
CA GLN D 119 18.00 9.62 -35.53
C GLN D 119 19.01 8.51 -35.74
N VAL D 120 18.51 7.27 -35.80
CA VAL D 120 19.40 6.11 -36.07
C VAL D 120 18.90 5.46 -37.36
N THR D 121 19.71 5.46 -38.40
CA THR D 121 19.37 4.89 -39.69
C THR D 121 20.34 3.75 -40.02
N VAL D 122 19.81 2.70 -40.62
CA VAL D 122 20.64 1.54 -40.95
C VAL D 122 20.81 1.42 -42.46
C1 NAG E . -32.97 -36.06 -6.90
C2 NAG E . -33.11 -35.67 -8.36
C3 NAG E . -33.69 -34.26 -8.49
C4 NAG E . -34.99 -34.15 -7.69
C5 NAG E . -34.76 -34.58 -6.26
C6 NAG E . -36.04 -34.61 -5.44
C7 NAG E . -31.56 -36.71 -9.96
C8 NAG E . -30.21 -36.66 -10.58
N2 NAG E . -31.85 -35.76 -9.06
O3 NAG E . -33.93 -33.96 -9.86
O4 NAG E . -35.45 -32.80 -7.72
O5 NAG E . -34.23 -35.91 -6.23
O6 NAG E . -36.36 -35.94 -5.04
O7 NAG E . -32.38 -37.58 -10.26
C1 NAG F . -25.03 -54.74 -6.77
C2 NAG F . -23.62 -55.11 -7.21
C3 NAG F . -22.68 -53.92 -7.01
C4 NAG F . -23.26 -52.67 -7.67
C5 NAG F . -24.75 -52.47 -7.39
C6 NAG F . -25.38 -51.45 -8.31
C7 NAG F . -22.84 -57.43 -7.07
C8 NAG F . -22.37 -58.52 -6.17
N2 NAG F . -23.14 -56.26 -6.47
O3 NAG F . -21.43 -54.23 -7.60
O4 NAG F . -22.56 -51.54 -7.16
O5 NAG F . -25.49 -53.68 -7.56
O6 NAG F . -25.34 -50.14 -7.77
O7 NAG F . -22.96 -57.58 -8.28
C1 NAG G . -1.51 -7.54 26.54
C2 NAG G . -0.15 -8.09 26.96
C3 NAG G . 0.88 -7.02 26.66
C4 NAG G . 0.28 -5.93 25.79
C5 NAG G . -0.87 -5.24 26.54
C6 NAG G . -1.66 -4.29 25.68
C7 NAG G . -0.77 -9.43 28.97
C8 NAG G . -0.36 -9.74 30.37
N2 NAG G . -0.02 -8.53 28.33
O3 NAG G . 2.00 -7.62 26.02
O4 NAG G . 1.28 -4.96 25.49
O5 NAG G . -1.80 -6.23 27.01
O6 NAG G . -0.82 -3.28 25.12
O7 NAG G . -1.72 -9.99 28.43
C1 NAG H . 2.88 -0.27 4.40
C2 NAG H . 1.55 -0.32 5.14
C3 NAG H . 1.04 1.10 5.18
C4 NAG H . 2.03 2.02 5.86
C5 NAG H . 3.49 1.63 5.60
C6 NAG H . 4.41 2.04 6.72
C7 NAG H . 0.47 -2.01 3.59
C8 NAG H . -0.89 -2.39 3.13
N2 NAG H . 0.51 -1.23 4.68
O3 NAG H . -0.19 1.04 5.90
O4 NAG H . 1.86 3.32 5.29
O5 NAG H . 3.65 0.21 5.47
O6 NAG H . 5.72 1.60 6.40
O7 NAG H . 1.49 -2.42 3.04
C1 NAG I . 4.93 -1.25 -3.64
C2 NAG I . 3.52 -0.75 -3.36
C3 NAG I . 2.60 -1.90 -2.96
C4 NAG I . 2.71 -3.04 -3.95
C5 NAG I . 4.16 -3.49 -4.00
C6 NAG I . 4.39 -4.62 -4.96
C7 NAG I . 3.16 1.53 -2.52
C8 NAG I . 3.22 1.99 -3.95
N2 NAG I . 3.49 0.26 -2.32
O3 NAG I . 1.26 -1.42 -2.88
O4 NAG I . 1.91 -4.13 -3.50
O5 NAG I . 4.94 -2.38 -4.50
O6 NAG I . 4.00 -4.24 -6.27
O7 NAG I . 2.84 2.27 -1.61
C1 NAG J . -1.23 9.07 -26.16
C2 NAG J . -1.41 7.67 -26.76
C3 NAG J . -0.71 7.58 -28.13
C4 NAG J . -1.12 8.73 -29.02
C5 NAG J . -0.92 10.06 -28.30
C6 NAG J . -1.40 11.26 -29.10
C7 NAG J . -1.66 5.74 -25.25
C8 NAG J . -3.13 5.81 -25.55
N2 NAG J . -0.90 6.66 -25.85
O3 NAG J . -1.04 6.34 -28.73
O4 NAG J . -0.33 8.73 -30.21
O5 NAG J . -1.67 10.05 -27.08
O6 NAG J . -2.81 11.40 -29.04
O7 NAG J . -1.19 4.90 -24.50
C1 NAG K . 2.62 48.69 9.71
C2 NAG K . 2.52 48.45 11.23
C3 NAG K . 1.14 47.91 11.61
C4 NAG K . 0.04 48.81 11.05
C5 NAG K . 0.22 48.94 9.54
C6 NAG K . -0.80 49.86 8.90
C7 NAG K . 4.76 47.90 12.11
C8 NAG K . 5.69 46.80 12.51
N2 NAG K . 3.55 47.52 11.67
O3 NAG K . 1.04 47.86 13.02
O4 NAG K . -1.24 48.25 11.34
O5 NAG K . 1.51 49.49 9.28
O6 NAG K . -1.26 49.33 7.66
O7 NAG K . 5.09 49.08 12.17
C1 NAG L . 20.65 58.26 5.26
C2 NAG L . 21.77 57.40 5.78
C3 NAG L . 21.90 56.18 4.90
C4 NAG L . 20.58 55.41 4.92
C5 NAG L . 19.35 56.31 4.70
C6 NAG L . 18.06 55.64 5.13
C7 NAG L . 23.62 58.39 7.04
C8 NAG L . 22.90 57.90 8.27
N2 NAG L . 23.04 58.12 5.87
O3 NAG L . 22.96 55.35 5.35
O4 NAG L . 20.59 54.40 3.92
O5 NAG L . 19.42 57.56 5.41
O6 NAG L . 17.12 56.57 5.65
O7 NAG L . 24.68 59.00 7.11
#